data_3PR8
#
_entry.id   3PR8
#
_cell.length_a   48.032
_cell.length_b   66.012
_cell.length_c   88.853
_cell.angle_alpha   89.920
_cell.angle_beta   85.550
_cell.angle_gamma   86.500
#
_symmetry.space_group_name_H-M   'P 1'
#
loop_
_entity.id
_entity.type
_entity.pdbx_description
1 polymer 'Glutathione S-transferase family protein'
2 non-polymer GLUTATHIONE
3 non-polymer '4-(2-HYDROXYETHYL)-1-PIPERAZINE ETHANESULFONIC ACID'
4 water water
#
_entity_poly.entity_id   1
_entity_poly.type   'polypeptide(L)'
_entity_poly.pdbx_seq_one_letter_code
;(MSE)SLKLYGFSVSNYYN(MSE)VKLALLEKGLTFEEVTFYGGQAPQALEVSPRGKVPVLETEHGFLSETSVILDYIEQ
TQGGKALLPADPFGQAKVRELLKEIELYIELPARTCYAESFFG(MSE)SVEPLIKEKARADLLAGFATLKRNGRFAPYVA
GEQLTLADL(MSE)FCFSVDLANAVGKKVLNIDFLADFPQAKALLQL(MSE)GENPH(MSE)PRILADKEAS(MSE)PAF
(MSE)E(MSE)IRSGKREGHHHHHH
;
_entity_poly.pdbx_strand_id   A,B,C,D
#
# COMPACT_ATOMS: atom_id res chain seq x y z
N SER A 2 9.25 -0.13 -45.59
CA SER A 2 7.92 -0.12 -46.21
C SER A 2 7.07 -1.33 -45.77
N LEU A 3 7.60 -2.14 -44.84
CA LEU A 3 6.95 -3.41 -44.44
C LEU A 3 5.53 -3.18 -44.02
N LYS A 4 4.61 -4.02 -44.48
CA LYS A 4 3.22 -3.93 -44.07
C LYS A 4 2.80 -5.29 -43.50
N LEU A 5 2.12 -5.27 -42.35
CA LEU A 5 1.66 -6.51 -41.73
C LEU A 5 0.15 -6.61 -41.84
N TYR A 6 -0.32 -7.62 -42.57
CA TYR A 6 -1.75 -7.82 -42.78
C TYR A 6 -2.27 -8.80 -41.75
N GLY A 7 -3.35 -8.42 -41.09
CA GLY A 7 -3.99 -9.32 -40.14
C GLY A 7 -4.85 -8.53 -39.18
N PHE A 8 -5.06 -9.05 -37.98
CA PHE A 8 -5.88 -8.35 -37.03
C PHE A 8 -5.36 -8.60 -35.64
N SER A 9 -5.56 -7.64 -34.73
CA SER A 9 -4.87 -7.70 -33.43
C SER A 9 -5.43 -8.73 -32.45
N VAL A 10 -6.54 -9.38 -32.78
CA VAL A 10 -7.01 -10.50 -31.99
C VAL A 10 -6.30 -11.82 -32.37
N SER A 11 -5.64 -11.86 -33.54
CA SER A 11 -4.89 -13.04 -33.99
C SER A 11 -3.61 -13.25 -33.17
N ASN A 12 -3.46 -14.44 -32.60
CA ASN A 12 -2.24 -14.69 -31.84
C ASN A 12 -0.99 -14.76 -32.72
N TYR A 13 -1.12 -15.40 -33.89
CA TYR A 13 0.01 -15.51 -34.82
C TYR A 13 0.40 -14.10 -35.33
N TYR A 14 -0.60 -13.23 -35.55
CA TYR A 14 -0.31 -11.83 -35.95
C TYR A 14 0.47 -11.12 -34.85
N ASN A 15 0.04 -11.29 -33.59
CA ASN A 15 0.72 -10.62 -32.49
C ASN A 15 2.18 -11.08 -32.28
N VAL A 17 4.27 -11.77 -34.77
CA VAL A 17 5.08 -10.98 -35.70
C VAL A 17 5.14 -9.52 -35.25
N LYS A 18 3.98 -8.99 -34.86
CA LYS A 18 3.91 -7.62 -34.33
C LYS A 18 4.92 -7.42 -33.19
N LEU A 19 4.98 -8.37 -32.25
CA LEU A 19 5.95 -8.23 -31.16
C LEU A 19 7.40 -8.28 -31.64
N ALA A 20 7.72 -9.18 -32.57
CA ALA A 20 9.07 -9.20 -33.16
C ALA A 20 9.41 -7.84 -33.76
N LEU A 21 8.49 -7.29 -34.57
CA LEU A 21 8.77 -6.02 -35.23
C LEU A 21 9.04 -4.93 -34.17
N LEU A 22 8.18 -4.87 -33.17
CA LEU A 22 8.31 -3.87 -32.09
C LEU A 22 9.58 -4.06 -31.28
N GLU A 23 9.92 -5.30 -30.96
CA GLU A 23 11.12 -5.59 -30.17
C GLU A 23 12.37 -5.17 -30.93
N LYS A 24 12.32 -5.30 -32.26
CA LYS A 24 13.47 -4.95 -33.11
C LYS A 24 13.49 -3.47 -33.54
N GLY A 25 12.50 -2.71 -33.09
CA GLY A 25 12.39 -1.29 -33.35
C GLY A 25 12.14 -0.97 -34.82
N LEU A 26 11.46 -1.88 -35.53
CA LEU A 26 11.28 -1.69 -36.97
C LEU A 26 10.03 -0.92 -37.28
N THR A 27 10.05 -0.22 -38.40
CA THR A 27 8.90 0.54 -38.84
C THR A 27 7.97 -0.38 -39.61
N PHE A 28 6.68 -0.31 -39.35
CA PHE A 28 5.74 -1.10 -40.10
C PHE A 28 4.34 -0.51 -40.08
N GLU A 29 3.57 -0.82 -41.11
CA GLU A 29 2.17 -0.41 -41.17
C GLU A 29 1.26 -1.60 -40.96
N GLU A 30 0.21 -1.45 -40.15
CA GLU A 30 -0.76 -2.53 -39.94
C GLU A 30 -1.91 -2.37 -40.93
N VAL A 31 -2.33 -3.46 -41.55
CA VAL A 31 -3.49 -3.46 -42.45
C VAL A 31 -4.47 -4.49 -41.95
N THR A 32 -5.69 -4.05 -41.67
CA THR A 32 -6.73 -4.95 -41.16
C THR A 32 -7.11 -5.96 -42.26
N PHE A 33 -6.96 -7.25 -41.95
CA PHE A 33 -7.22 -8.31 -42.91
C PHE A 33 -7.54 -9.56 -42.12
N TYR A 34 -8.67 -10.21 -42.41
CA TYR A 34 -9.12 -11.36 -41.60
C TYR A 34 -8.85 -12.69 -42.31
N GLY A 35 -8.28 -12.61 -43.51
CA GLY A 35 -8.03 -13.80 -44.33
C GLY A 35 -9.31 -14.54 -44.71
N GLY A 36 -9.24 -15.86 -44.71
CA GLY A 36 -10.39 -16.68 -45.08
C GLY A 36 -10.38 -17.11 -46.54
N GLN A 37 -11.52 -17.66 -46.97
CA GLN A 37 -11.56 -18.38 -48.24
C GLN A 37 -12.13 -17.60 -49.41
N ALA A 38 -12.43 -16.32 -49.21
CA ALA A 38 -12.86 -15.49 -50.34
C ALA A 38 -11.75 -15.37 -51.38
N PRO A 39 -12.12 -15.38 -52.67
CA PRO A 39 -11.15 -15.29 -53.76
C PRO A 39 -10.17 -14.13 -53.59
N GLN A 40 -10.64 -12.97 -53.14
CA GLN A 40 -9.71 -11.85 -52.97
C GLN A 40 -8.76 -12.08 -51.79
N ALA A 41 -9.23 -12.79 -50.76
CA ALA A 41 -8.36 -13.11 -49.62
C ALA A 41 -7.26 -14.09 -50.00
N LEU A 42 -7.60 -15.08 -50.84
CA LEU A 42 -6.64 -16.13 -51.21
C LEU A 42 -5.56 -15.58 -52.12
N GLU A 43 -5.85 -14.48 -52.80
CA GLU A 43 -4.82 -13.81 -53.58
C GLU A 43 -3.76 -13.19 -52.70
N VAL A 44 -4.11 -12.87 -51.46
CA VAL A 44 -3.12 -12.28 -50.56
C VAL A 44 -2.40 -13.36 -49.78
N SER A 45 -3.19 -14.33 -49.31
CA SER A 45 -2.67 -15.40 -48.45
C SER A 45 -3.20 -16.73 -48.98
N PRO A 46 -2.32 -17.62 -49.45
CA PRO A 46 -2.72 -18.75 -50.29
C PRO A 46 -3.57 -19.83 -49.63
N ARG A 47 -3.55 -19.92 -48.29
CA ARG A 47 -4.38 -20.86 -47.54
C ARG A 47 -5.43 -20.05 -46.72
N GLY A 48 -5.43 -18.72 -46.88
CA GLY A 48 -6.39 -17.86 -46.21
C GLY A 48 -6.03 -17.53 -44.77
N LYS A 49 -4.75 -17.74 -44.42
CA LYS A 49 -4.26 -17.57 -43.04
C LYS A 49 -3.75 -16.16 -42.82
N VAL A 50 -3.75 -15.77 -41.55
CA VAL A 50 -3.22 -14.51 -41.10
C VAL A 50 -2.07 -14.88 -40.16
N PRO A 51 -0.97 -14.11 -40.13
CA PRO A 51 -0.63 -12.84 -40.76
C PRO A 51 0.02 -13.03 -42.13
N VAL A 52 0.10 -11.94 -42.89
CA VAL A 52 0.85 -11.91 -44.12
C VAL A 52 1.76 -10.68 -44.06
N LEU A 53 2.99 -10.82 -44.52
CA LEU A 53 3.92 -9.68 -44.58
C LEU A 53 4.05 -9.27 -46.02
N GLU A 54 3.76 -7.99 -46.31
CA GLU A 54 4.03 -7.45 -47.64
C GLU A 54 5.40 -6.81 -47.64
N THR A 55 6.23 -7.24 -48.58
CA THR A 55 7.59 -6.71 -48.77
C THR A 55 7.66 -6.12 -50.17
N GLU A 56 8.82 -5.52 -50.50
CA GLU A 56 9.08 -5.02 -51.87
C GLU A 56 9.01 -6.12 -52.92
N HIS A 57 9.15 -7.37 -52.48
CA HIS A 57 9.16 -8.52 -53.40
C HIS A 57 7.83 -9.26 -53.48
N GLY A 58 6.86 -8.86 -52.66
CA GLY A 58 5.55 -9.49 -52.67
C GLY A 58 5.18 -10.00 -51.28
N PHE A 59 4.11 -10.80 -51.21
CA PHE A 59 3.58 -11.28 -49.91
C PHE A 59 4.26 -12.56 -49.44
N LEU A 60 4.43 -12.66 -48.11
CA LEU A 60 4.90 -13.88 -47.48
C LEU A 60 3.91 -14.23 -46.37
N SER A 61 3.47 -15.49 -46.30
CA SER A 61 2.53 -15.92 -45.28
C SER A 61 3.24 -16.92 -44.37
N GLU A 62 2.60 -17.31 -43.27
CA GLU A 62 3.15 -18.30 -42.30
C GLU A 62 4.07 -17.61 -41.29
N THR A 63 3.60 -17.51 -40.04
CA THR A 63 4.34 -16.81 -39.00
C THR A 63 5.79 -17.24 -38.91
N SER A 64 6.04 -18.54 -38.87
CA SER A 64 7.42 -19.03 -38.71
C SER A 64 8.31 -18.56 -39.85
N VAL A 65 7.76 -18.58 -41.06
CA VAL A 65 8.47 -18.14 -42.26
C VAL A 65 8.70 -16.63 -42.24
N ILE A 66 7.66 -15.87 -41.87
CA ILE A 66 7.76 -14.42 -41.73
C ILE A 66 8.85 -14.02 -40.72
N LEU A 67 8.84 -14.67 -39.54
CA LEU A 67 9.85 -14.35 -38.53
C LEU A 67 11.29 -14.62 -39.02
N ASP A 68 11.48 -15.72 -39.75
CA ASP A 68 12.80 -16.01 -40.26
C ASP A 68 13.23 -14.97 -41.29
N TYR A 69 12.29 -14.61 -42.15
CA TYR A 69 12.60 -13.57 -43.14
C TYR A 69 13.00 -12.26 -42.47
N ILE A 70 12.23 -11.85 -41.47
CA ILE A 70 12.54 -10.61 -40.73
C ILE A 70 13.91 -10.67 -40.06
N GLU A 71 14.21 -11.80 -39.44
CA GLU A 71 15.51 -11.99 -38.79
C GLU A 71 16.70 -11.92 -39.77
N GLN A 72 16.53 -12.54 -40.92
CA GLN A 72 17.56 -12.49 -41.97
C GLN A 72 17.78 -11.11 -42.55
N THR A 73 16.70 -10.35 -42.79
CA THR A 73 16.83 -9.18 -43.64
C THR A 73 16.77 -7.83 -42.94
N GLN A 74 16.34 -7.81 -41.68
CA GLN A 74 16.12 -6.52 -41.01
C GLN A 74 17.15 -6.33 -39.92
N GLY A 75 17.36 -5.07 -39.53
CA GLY A 75 18.29 -4.77 -38.44
C GLY A 75 17.58 -4.88 -37.11
N GLY A 76 18.18 -4.30 -36.07
CA GLY A 76 17.54 -4.30 -34.77
C GLY A 76 18.00 -5.52 -34.00
N LYS A 77 17.58 -5.60 -32.75
CA LYS A 77 17.96 -6.63 -31.80
C LYS A 77 17.85 -8.05 -32.38
N ALA A 78 18.89 -8.85 -32.20
CA ALA A 78 18.84 -10.26 -32.67
C ALA A 78 17.91 -11.08 -31.76
N LEU A 79 17.15 -11.95 -32.41
CA LEU A 79 16.20 -12.82 -31.70
C LEU A 79 16.58 -14.26 -31.97
N LEU A 80 17.84 -14.46 -32.37
CA LEU A 80 18.46 -15.77 -32.49
C LEU A 80 19.87 -15.69 -31.94
N PRO A 81 20.37 -16.83 -31.43
CA PRO A 81 21.78 -16.85 -31.05
C PRO A 81 22.64 -16.83 -32.30
N ALA A 82 23.95 -16.69 -32.12
CA ALA A 82 24.89 -16.56 -33.21
C ALA A 82 25.37 -17.88 -33.87
N ASP A 83 25.19 -19.03 -33.21
CA ASP A 83 25.71 -20.31 -33.72
C ASP A 83 24.61 -21.15 -34.42
N PRO A 84 24.98 -21.82 -35.52
CA PRO A 84 24.00 -22.57 -36.29
C PRO A 84 23.18 -23.57 -35.48
N PHE A 85 23.83 -24.37 -34.66
CA PHE A 85 23.08 -25.39 -33.94
C PHE A 85 22.10 -24.72 -32.97
N GLY A 86 22.53 -23.64 -32.33
CA GLY A 86 21.64 -22.92 -31.41
C GLY A 86 20.44 -22.30 -32.12
N GLN A 87 20.68 -21.77 -33.33
CA GLN A 87 19.59 -21.27 -34.14
C GLN A 87 18.59 -22.38 -34.47
N ALA A 88 19.11 -23.55 -34.79
CA ALA A 88 18.21 -24.66 -35.15
C ALA A 88 17.42 -25.14 -33.92
N LYS A 89 18.04 -25.11 -32.74
CA LYS A 89 17.29 -25.43 -31.51
C LYS A 89 16.14 -24.46 -31.25
N VAL A 90 16.38 -23.18 -31.45
CA VAL A 90 15.28 -22.21 -31.32
C VAL A 90 14.17 -22.62 -32.25
N ARG A 91 14.52 -22.89 -33.51
CA ARG A 91 13.49 -23.25 -34.49
C ARG A 91 12.79 -24.58 -34.20
N GLU A 92 13.50 -25.53 -33.58
CA GLU A 92 12.91 -26.80 -33.13
C GLU A 92 11.83 -26.54 -32.05
N LEU A 93 12.18 -25.68 -31.09
CA LEU A 93 11.25 -25.36 -30.01
C LEU A 93 10.07 -24.57 -30.53
N LEU A 94 10.33 -23.63 -31.44
CA LEU A 94 9.25 -22.85 -32.04
C LEU A 94 8.25 -23.81 -32.73
N LYS A 95 8.78 -24.78 -33.48
CA LYS A 95 7.95 -25.71 -34.26
C LYS A 95 7.18 -26.65 -33.31
N GLU A 96 7.86 -27.08 -32.26
CA GLU A 96 7.17 -27.95 -31.28
C GLU A 96 5.96 -27.27 -30.64
N ILE A 97 6.11 -26.00 -30.28
CA ILE A 97 5.03 -25.28 -29.61
C ILE A 97 3.92 -25.08 -30.62
N GLU A 98 4.28 -24.71 -31.83
CA GLU A 98 3.26 -24.53 -32.83
C GLU A 98 2.49 -25.84 -33.15
N LEU A 99 3.19 -26.92 -33.47
CA LEU A 99 2.52 -28.14 -33.95
C LEU A 99 1.87 -28.90 -32.79
N TYR A 100 2.49 -28.85 -31.62
CA TYR A 100 2.06 -29.77 -30.53
C TYR A 100 1.37 -29.07 -29.37
N ILE A 101 1.31 -27.73 -29.41
CA ILE A 101 0.50 -26.99 -28.42
C ILE A 101 -0.51 -26.07 -29.13
N GLU A 102 -0.04 -25.13 -29.96
CA GLU A 102 -0.97 -24.19 -30.56
C GLU A 102 -2.05 -24.91 -31.40
N LEU A 103 -1.63 -25.77 -32.33
CA LEU A 103 -2.62 -26.34 -33.25
C LEU A 103 -3.63 -27.23 -32.56
N PRO A 104 -3.16 -28.08 -31.61
CA PRO A 104 -4.20 -28.86 -30.91
C PRO A 104 -5.15 -27.99 -30.06
N ALA A 105 -4.63 -26.98 -29.37
CA ALA A 105 -5.49 -26.09 -28.56
C ALA A 105 -6.52 -25.42 -29.47
N ARG A 106 -6.05 -25.02 -30.66
CA ARG A 106 -6.86 -24.33 -31.64
C ARG A 106 -8.09 -25.15 -32.08
N THR A 107 -7.97 -26.46 -32.01
CA THR A 107 -9.12 -27.29 -32.42
C THR A 107 -10.27 -27.12 -31.44
N CYS A 108 -9.98 -26.55 -30.27
CA CYS A 108 -11.01 -26.31 -29.25
C CYS A 108 -11.39 -24.85 -29.05
N TYR A 109 -10.84 -23.92 -29.85
CA TYR A 109 -11.10 -22.48 -29.61
C TYR A 109 -12.58 -22.12 -29.80
N ALA A 110 -13.27 -22.84 -30.68
CA ALA A 110 -14.73 -22.66 -30.84
C ALA A 110 -15.45 -22.82 -29.51
N GLU A 111 -15.04 -23.79 -28.71
CA GLU A 111 -15.73 -24.01 -27.44
C GLU A 111 -15.23 -23.10 -26.33
N SER A 112 -13.92 -22.90 -26.25
CA SER A 112 -13.35 -22.14 -25.15
C SER A 112 -13.66 -20.65 -25.25
N PHE A 113 -13.73 -20.11 -26.47
CA PHE A 113 -13.85 -18.66 -26.67
C PHE A 113 -15.10 -18.18 -27.38
N PHE A 114 -15.73 -19.05 -28.16
CA PHE A 114 -16.84 -18.60 -28.99
C PHE A 114 -18.14 -19.30 -28.63
N GLY A 115 -18.16 -20.00 -27.50
CA GLY A 115 -19.38 -20.60 -26.95
C GLY A 115 -20.04 -21.71 -27.76
N SER A 117 -19.73 -25.64 -28.55
CA SER A 117 -19.17 -26.96 -28.25
C SER A 117 -18.48 -27.59 -29.45
N VAL A 118 -17.38 -28.28 -29.18
CA VAL A 118 -16.71 -29.03 -30.24
C VAL A 118 -17.00 -30.53 -30.01
N GLU A 119 -16.91 -31.33 -31.06
CA GLU A 119 -17.19 -32.78 -30.96
C GLU A 119 -16.35 -33.48 -29.90
N PRO A 120 -16.93 -34.47 -29.21
CA PRO A 120 -16.20 -35.21 -28.20
C PRO A 120 -14.90 -35.82 -28.73
N LEU A 121 -14.93 -36.33 -29.96
CA LEU A 121 -13.72 -36.96 -30.51
C LEU A 121 -12.62 -35.91 -30.66
N ILE A 122 -13.02 -34.70 -31.03
CA ILE A 122 -12.05 -33.63 -31.17
C ILE A 122 -11.40 -33.30 -29.83
N LYS A 123 -12.22 -33.20 -28.78
CA LYS A 123 -11.67 -32.92 -27.43
C LYS A 123 -10.77 -34.03 -26.92
N GLU A 124 -11.12 -35.29 -27.20
CA GLU A 124 -10.30 -36.43 -26.81
CA GLU A 124 -10.32 -36.46 -26.84
C GLU A 124 -8.91 -36.33 -27.42
N LYS A 125 -8.86 -36.06 -28.72
CA LYS A 125 -7.58 -35.92 -29.40
CA LYS A 125 -7.59 -35.91 -29.42
C LYS A 125 -6.82 -34.69 -28.91
N ALA A 126 -7.52 -33.58 -28.70
CA ALA A 126 -6.88 -32.38 -28.19
C ALA A 126 -6.25 -32.62 -26.85
N ARG A 127 -6.96 -33.27 -25.94
CA ARG A 127 -6.40 -33.60 -24.62
C ARG A 127 -5.08 -34.37 -24.71
N ALA A 128 -5.07 -35.44 -25.51
CA ALA A 128 -3.88 -36.27 -25.63
C ALA A 128 -2.74 -35.50 -26.28
N ASP A 129 -3.06 -34.77 -27.33
CA ASP A 129 -2.04 -34.02 -28.06
C ASP A 129 -1.42 -32.90 -27.19
N LEU A 130 -2.25 -32.25 -26.37
CA LEU A 130 -1.77 -31.17 -25.51
C LEU A 130 -0.94 -31.72 -24.36
N LEU A 131 -1.40 -32.80 -23.74
CA LEU A 131 -0.59 -33.43 -22.72
C LEU A 131 0.81 -33.78 -23.27
N ALA A 132 0.86 -34.32 -24.48
CA ALA A 132 2.11 -34.64 -25.12
C ALA A 132 2.92 -33.38 -25.50
N GLY A 133 2.21 -32.36 -25.99
CA GLY A 133 2.89 -31.10 -26.34
C GLY A 133 3.55 -30.41 -25.14
N PHE A 134 2.82 -30.32 -24.04
CA PHE A 134 3.39 -29.69 -22.84
C PHE A 134 4.52 -30.54 -22.28
N ALA A 135 4.39 -31.85 -22.39
CA ALA A 135 5.51 -32.73 -21.97
C ALA A 135 6.79 -32.53 -22.83
N THR A 136 6.64 -32.36 -24.15
CA THR A 136 7.77 -32.08 -25.03
C THR A 136 8.45 -30.77 -24.67
N LEU A 137 7.64 -29.73 -24.42
CA LEU A 137 8.16 -28.39 -24.06
C LEU A 137 8.95 -28.46 -22.74
N LYS A 138 8.40 -29.18 -21.77
CA LYS A 138 9.08 -29.30 -20.47
C LYS A 138 10.42 -30.02 -20.61
N ARG A 139 10.40 -31.09 -21.41
CA ARG A 139 11.63 -31.87 -21.66
C ARG A 139 12.69 -31.12 -22.49
N ASN A 140 12.25 -30.38 -23.50
CA ASN A 140 13.20 -29.80 -24.47
C ASN A 140 13.55 -28.34 -24.17
N GLY A 141 12.65 -27.64 -23.51
CA GLY A 141 12.87 -26.22 -23.21
C GLY A 141 13.94 -26.09 -22.14
N ARG A 142 14.74 -25.04 -22.23
CA ARG A 142 15.72 -24.75 -21.19
C ARG A 142 15.11 -23.87 -20.09
N PHE A 143 14.25 -22.93 -20.48
CA PHE A 143 13.62 -22.00 -19.53
C PHE A 143 14.63 -21.32 -18.61
N ALA A 144 15.56 -20.59 -19.20
CA ALA A 144 16.67 -20.09 -18.42
C ALA A 144 16.88 -18.59 -18.37
N PRO A 145 15.79 -17.81 -18.30
CA PRO A 145 14.37 -18.12 -18.12
C PRO A 145 13.61 -18.36 -19.43
N TYR A 146 14.18 -17.93 -20.54
CA TYR A 146 13.49 -18.02 -21.85
C TYR A 146 13.47 -19.46 -22.37
N VAL A 147 12.59 -19.74 -23.33
CA VAL A 147 12.38 -21.11 -23.77
C VAL A 147 13.67 -21.80 -24.17
N ALA A 148 14.51 -21.10 -24.94
CA ALA A 148 15.67 -21.72 -25.53
C ALA A 148 16.92 -21.49 -24.70
N GLY A 149 16.82 -20.71 -23.63
CA GLY A 149 18.05 -20.39 -22.86
C GLY A 149 17.97 -19.05 -22.17
N GLU A 150 19.07 -18.31 -22.20
CA GLU A 150 19.22 -17.09 -21.39
C GLU A 150 18.78 -15.81 -22.06
N GLN A 151 18.47 -15.88 -23.36
CA GLN A 151 18.05 -14.70 -24.10
C GLN A 151 16.73 -14.91 -24.81
N LEU A 152 15.99 -13.80 -24.97
CA LEU A 152 14.74 -13.76 -25.73
C LEU A 152 15.03 -14.23 -27.15
N THR A 153 14.22 -15.14 -27.69
CA THR A 153 14.38 -15.58 -29.09
C THR A 153 13.03 -15.73 -29.76
N LEU A 154 13.01 -16.04 -31.04
CA LEU A 154 11.74 -16.25 -31.72
C LEU A 154 10.85 -17.28 -31.03
N ALA A 155 11.46 -18.30 -30.43
CA ALA A 155 10.65 -19.32 -29.75
C ALA A 155 9.79 -18.75 -28.64
N ASP A 156 10.27 -17.70 -27.98
CA ASP A 156 9.51 -17.07 -26.89
C ASP A 156 8.26 -16.35 -27.40
N LEU A 157 8.28 -15.85 -28.65
CA LEU A 157 7.08 -15.27 -29.24
C LEU A 157 5.99 -16.32 -29.45
N PHE A 159 5.77 -19.14 -27.89
CA PHE A 159 5.42 -19.55 -26.53
C PHE A 159 4.41 -18.62 -25.87
N CYS A 160 4.71 -17.33 -25.89
CA CYS A 160 3.90 -16.44 -25.08
C CYS A 160 2.51 -16.20 -25.68
N PHE A 161 2.34 -16.37 -26.99
CA PHE A 161 1.04 -16.21 -27.60
C PHE A 161 0.37 -17.54 -27.95
N SER A 162 0.97 -18.66 -27.56
CA SER A 162 0.30 -19.96 -27.70
C SER A 162 -0.10 -20.54 -26.33
N VAL A 163 0.80 -20.46 -25.38
CA VAL A 163 0.63 -21.21 -24.12
C VAL A 163 -0.48 -20.58 -23.25
N ASP A 164 -0.64 -19.27 -23.40
CA ASP A 164 -1.74 -18.59 -22.73
C ASP A 164 -3.10 -19.15 -23.17
N LEU A 165 -3.30 -19.26 -24.48
CA LEU A 165 -4.57 -19.74 -25.01
C LEU A 165 -4.73 -21.22 -24.75
N ALA A 166 -3.60 -21.95 -24.79
CA ALA A 166 -3.67 -23.39 -24.59
C ALA A 166 -4.09 -23.70 -23.15
N ASN A 167 -3.59 -22.93 -22.20
CA ASN A 167 -3.97 -23.12 -20.82
C ASN A 167 -5.43 -22.79 -20.55
N ALA A 168 -5.93 -21.73 -21.17
CA ALA A 168 -7.37 -21.43 -21.12
C ALA A 168 -8.24 -22.52 -21.69
N VAL A 169 -7.83 -23.13 -22.81
CA VAL A 169 -8.53 -24.28 -23.36
C VAL A 169 -8.47 -25.43 -22.36
N GLY A 170 -7.32 -25.60 -21.71
CA GLY A 170 -7.21 -26.69 -20.73
C GLY A 170 -8.23 -26.53 -19.62
N LYS A 171 -8.30 -25.34 -19.04
CA LYS A 171 -9.14 -25.15 -17.87
C LYS A 171 -10.62 -25.13 -18.25
N LYS A 172 -10.94 -24.45 -19.34
CA LYS A 172 -12.32 -24.23 -19.74
CA LYS A 172 -12.33 -24.25 -19.72
C LYS A 172 -12.97 -25.45 -20.41
N VAL A 173 -12.18 -26.16 -21.22
CA VAL A 173 -12.73 -27.24 -22.04
C VAL A 173 -12.35 -28.63 -21.54
N LEU A 174 -11.14 -28.77 -20.99
CA LEU A 174 -10.60 -30.10 -20.74
C LEU A 174 -10.38 -30.45 -19.27
N ASN A 175 -10.70 -29.53 -18.37
CA ASN A 175 -10.50 -29.74 -16.93
CA ASN A 175 -10.50 -29.68 -16.92
C ASN A 175 -9.06 -29.98 -16.51
N ILE A 176 -8.12 -29.33 -17.20
CA ILE A 176 -6.71 -29.48 -16.89
C ILE A 176 -6.03 -28.13 -16.89
N ASP A 177 -5.32 -27.81 -15.82
CA ASP A 177 -4.50 -26.62 -15.76
C ASP A 177 -3.07 -27.03 -16.06
N PHE A 178 -2.66 -26.94 -17.33
CA PHE A 178 -1.31 -27.33 -17.72
C PHE A 178 -0.25 -26.54 -16.96
N LEU A 179 -0.47 -25.26 -16.72
CA LEU A 179 0.58 -24.43 -16.14
C LEU A 179 0.73 -24.64 -14.63
N ALA A 180 -0.33 -25.15 -13.99
CA ALA A 180 -0.30 -25.41 -12.56
C ALA A 180 0.91 -26.26 -12.14
N ASP A 181 1.32 -27.20 -12.99
CA ASP A 181 2.49 -28.04 -12.65
C ASP A 181 3.72 -27.84 -13.58
N PHE A 182 3.86 -26.64 -14.12
CA PHE A 182 4.93 -26.34 -15.08
C PHE A 182 5.45 -24.97 -14.69
N PRO A 183 6.06 -24.86 -13.50
CA PRO A 183 6.40 -23.54 -12.97
C PRO A 183 7.37 -22.75 -13.83
N GLN A 184 8.26 -23.45 -14.55
CA GLN A 184 9.22 -22.82 -15.49
C GLN A 184 8.44 -21.99 -16.51
N ALA A 185 7.34 -22.57 -16.97
CA ALA A 185 6.54 -21.97 -18.03
C ALA A 185 5.69 -20.83 -17.46
N LYS A 186 5.13 -21.06 -16.28
CA LYS A 186 4.37 -20.05 -15.59
C LYS A 186 5.20 -18.79 -15.37
N ALA A 187 6.45 -18.97 -14.96
CA ALA A 187 7.34 -17.84 -14.71
C ALA A 187 7.63 -17.10 -16.00
N LEU A 188 7.87 -17.86 -17.06
CA LEU A 188 8.19 -17.21 -18.34
C LEU A 188 7.01 -16.41 -18.87
N LEU A 189 5.81 -16.94 -18.74
CA LEU A 189 4.64 -16.26 -19.23
C LEU A 189 4.47 -14.93 -18.50
N GLN A 190 4.70 -14.92 -17.18
CA GLN A 190 4.63 -13.66 -16.46
C GLN A 190 5.71 -12.70 -16.92
N LEU A 191 6.90 -13.23 -17.14
CA LEU A 191 8.04 -12.42 -17.56
C LEU A 191 7.80 -11.77 -18.93
N GLY A 193 4.92 -11.19 -20.17
CA GLY A 193 3.87 -10.20 -19.86
C GLY A 193 4.39 -8.82 -19.44
N GLU A 194 5.64 -8.75 -19.02
CA GLU A 194 6.24 -7.48 -18.59
C GLU A 194 7.06 -6.85 -19.68
N ASN A 195 7.02 -7.46 -20.87
CA ASN A 195 7.71 -6.89 -22.02
C ASN A 195 7.19 -5.47 -22.25
N PRO A 196 8.08 -4.52 -22.53
CA PRO A 196 7.58 -3.14 -22.64
C PRO A 196 6.61 -2.87 -23.78
N HIS A 197 6.59 -3.78 -24.75
CA HIS A 197 5.70 -3.63 -25.90
C HIS A 197 4.39 -4.38 -25.67
N PRO A 199 2.01 -3.82 -23.42
CA PRO A 199 0.79 -3.04 -23.22
C PRO A 199 0.16 -2.61 -24.55
N ARG A 200 0.99 -2.16 -25.49
CA ARG A 200 0.55 -1.82 -26.86
C ARG A 200 -0.21 -2.99 -27.53
N ILE A 201 0.39 -4.18 -27.47
CA ILE A 201 -0.23 -5.35 -28.08
C ILE A 201 -1.59 -5.62 -27.50
N LEU A 202 -1.72 -5.62 -26.17
CA LEU A 202 -2.98 -5.96 -25.54
C LEU A 202 -4.02 -4.86 -25.75
N ALA A 203 -3.57 -3.59 -25.77
CA ALA A 203 -4.48 -2.46 -25.95
C ALA A 203 -5.12 -2.54 -27.35
N ASP A 204 -4.28 -2.84 -28.34
CA ASP A 204 -4.74 -2.94 -29.72
C ASP A 204 -5.70 -4.11 -29.88
N LYS A 205 -5.38 -5.23 -29.21
CA LYS A 205 -6.28 -6.38 -29.18
C LYS A 205 -7.65 -6.02 -28.63
N GLU A 206 -7.68 -5.36 -27.47
CA GLU A 206 -8.97 -4.99 -26.86
C GLU A 206 -9.73 -4.05 -27.79
N ALA A 207 -9.02 -3.09 -28.37
CA ALA A 207 -9.65 -2.06 -29.21
C ALA A 207 -10.23 -2.69 -30.46
N SER A 208 -9.63 -3.79 -30.90
CA SER A 208 -10.02 -4.47 -32.14
C SER A 208 -11.07 -5.57 -31.96
N PRO A 210 -14.27 -5.73 -30.73
CA PRO A 210 -15.66 -5.62 -31.21
C PRO A 210 -15.82 -5.81 -32.74
N ALA A 211 -14.89 -5.27 -33.53
CA ALA A 211 -14.98 -5.42 -34.99
C ALA A 211 -14.79 -6.89 -35.37
N PHE A 212 -13.81 -7.54 -34.75
CA PHE A 212 -13.59 -8.97 -35.02
C PHE A 212 -14.84 -9.79 -34.69
N GLU A 214 -17.94 -8.74 -34.57
CA GLU A 214 -18.95 -8.40 -35.60
C GLU A 214 -18.68 -9.13 -36.93
N ILE A 216 -17.24 -12.01 -37.16
CA ILE A 216 -17.69 -13.38 -36.83
C ILE A 216 -19.20 -13.54 -37.05
N ARG A 217 -20.01 -12.74 -36.34
CA ARG A 217 -21.48 -12.80 -36.41
C ARG A 217 -22.05 -12.53 -37.80
N SER A 218 -21.31 -11.80 -38.62
CA SER A 218 -21.72 -11.52 -39.99
C SER A 218 -21.75 -12.77 -40.86
N GLY A 219 -20.62 -13.49 -40.90
CA GLY A 219 -20.49 -14.69 -41.74
C GLY A 219 -20.82 -15.98 -41.01
N SER B 2 7.33 32.93 13.89
CA SER B 2 6.63 32.00 12.95
C SER B 2 5.14 32.04 13.26
N LEU B 3 4.34 31.33 12.46
CA LEU B 3 2.89 31.41 12.59
C LEU B 3 2.30 30.02 12.69
N LYS B 4 1.36 29.84 13.60
CA LYS B 4 0.60 28.62 13.67
C LYS B 4 -0.88 28.96 13.53
N LEU B 5 -1.59 28.17 12.75
CA LEU B 5 -3.00 28.42 12.55
C LEU B 5 -3.74 27.29 13.20
N TYR B 6 -4.51 27.62 14.26
CA TYR B 6 -5.35 26.65 15.00
C TYR B 6 -6.77 26.59 14.47
N GLY B 7 -7.25 25.39 14.19
CA GLY B 7 -8.61 25.21 13.66
C GLY B 7 -8.69 23.87 12.95
N PHE B 8 -9.62 23.76 12.02
CA PHE B 8 -9.79 22.48 11.32
C PHE B 8 -10.25 22.80 9.90
N SER B 9 -9.92 21.94 8.95
CA SER B 9 -10.06 22.31 7.54
C SER B 9 -11.52 22.24 7.07
N VAL B 10 -12.43 21.80 7.93
CA VAL B 10 -13.85 21.90 7.53
C VAL B 10 -14.43 23.29 7.83
N SER B 11 -13.71 24.07 8.65
CA SER B 11 -14.20 25.41 9.06
C SER B 11 -13.98 26.40 7.92
N ASN B 12 -15.05 27.06 7.50
CA ASN B 12 -14.94 28.05 6.45
C ASN B 12 -14.12 29.28 6.87
N TYR B 13 -14.26 29.71 8.12
CA TYR B 13 -13.45 30.83 8.61
C TYR B 13 -11.96 30.48 8.68
N TYR B 14 -11.65 29.25 9.10
CA TYR B 14 -10.26 28.75 9.08
C TYR B 14 -9.69 28.76 7.65
N ASN B 15 -10.51 28.27 6.69
CA ASN B 15 -10.10 28.24 5.29
C ASN B 15 -9.79 29.61 4.67
N VAL B 17 -8.43 32.16 6.29
CA VAL B 17 -7.09 32.54 6.74
C VAL B 17 -6.04 31.65 6.07
N LYS B 18 -6.31 30.34 6.03
CA LYS B 18 -5.46 29.41 5.27
C LYS B 18 -5.18 29.90 3.84
N LEU B 19 -6.24 30.27 3.11
CA LEU B 19 -6.04 30.79 1.75
C LEU B 19 -5.21 32.08 1.71
N ALA B 20 -5.46 33.00 2.66
CA ALA B 20 -4.67 34.24 2.69
C ALA B 20 -3.19 33.90 2.85
N LEU B 21 -2.85 33.00 3.77
CA LEU B 21 -1.45 32.65 4.01
C LEU B 21 -0.82 31.97 2.78
N LEU B 22 -1.57 31.06 2.15
CA LEU B 22 -1.07 30.36 0.98
C LEU B 22 -0.88 31.34 -0.17
N GLU B 23 -1.86 32.24 -0.33
CA GLU B 23 -1.81 33.18 -1.42
C GLU B 23 -0.61 34.12 -1.24
N LYS B 24 -0.27 34.42 0.02
CA LYS B 24 0.86 35.33 0.28
C LYS B 24 2.23 34.62 0.29
N GLY B 25 2.23 33.30 0.14
CA GLY B 25 3.47 32.52 0.12
C GLY B 25 4.10 32.41 1.50
N LEU B 26 3.26 32.47 2.54
CA LEU B 26 3.75 32.45 3.91
C LEU B 26 3.87 31.04 4.49
N THR B 27 4.94 30.84 5.25
CA THR B 27 5.13 29.59 5.98
C THR B 27 4.25 29.58 7.22
N PHE B 28 3.54 28.48 7.44
CA PHE B 28 2.74 28.36 8.66
C PHE B 28 2.55 26.90 9.00
N GLU B 29 2.29 26.64 10.28
CA GLU B 29 1.97 25.30 10.73
C GLU B 29 0.48 25.21 11.05
N GLU B 30 -0.17 24.14 10.63
CA GLU B 30 -1.59 23.93 10.99
C GLU B 30 -1.70 23.09 12.24
N VAL B 31 -2.58 23.50 13.16
CA VAL B 31 -2.76 22.80 14.44
C VAL B 31 -4.24 22.44 14.55
N THR B 32 -4.55 21.15 14.67
CA THR B 32 -5.95 20.74 14.74
C THR B 32 -6.55 21.21 16.05
N PHE B 33 -7.64 21.96 15.96
CA PHE B 33 -8.27 22.58 17.15
C PHE B 33 -9.72 22.84 16.83
N TYR B 34 -10.64 22.42 17.71
CA TYR B 34 -12.04 22.56 17.35
C TYR B 34 -12.72 23.65 18.14
N GLY B 35 -11.98 24.29 19.04
CA GLY B 35 -12.60 25.34 19.88
C GLY B 35 -13.58 24.73 20.87
N GLY B 36 -14.72 25.38 21.06
CA GLY B 36 -15.72 24.94 22.05
C GLY B 36 -15.57 25.55 23.43
N GLN B 37 -16.43 25.12 24.35
CA GLN B 37 -16.54 25.76 25.67
C GLN B 37 -15.73 25.08 26.75
N ALA B 38 -14.93 24.08 26.39
CA ALA B 38 -14.03 23.49 27.38
C ALA B 38 -13.02 24.52 27.90
N PRO B 39 -12.72 24.50 29.21
CA PRO B 39 -11.79 25.44 29.82
C PRO B 39 -10.45 25.55 29.11
N GLN B 40 -9.91 24.44 28.62
CA GLN B 40 -8.61 24.47 27.95
CA GLN B 40 -8.62 24.45 27.94
C GLN B 40 -8.73 25.14 26.58
N ALA B 41 -9.88 24.99 25.94
CA ALA B 41 -10.13 25.60 24.65
C ALA B 41 -10.32 27.12 24.81
N LEU B 42 -11.03 27.51 25.86
CA LEU B 42 -11.31 28.95 26.12
C LEU B 42 -10.03 29.71 26.44
N GLU B 43 -9.02 28.99 26.92
CA GLU B 43 -7.72 29.55 27.16
C GLU B 43 -7.05 29.96 25.85
N VAL B 44 -7.38 29.26 24.77
CA VAL B 44 -6.79 29.52 23.47
C VAL B 44 -7.66 30.53 22.72
N SER B 45 -8.97 30.31 22.70
CA SER B 45 -9.91 31.15 21.98
C SER B 45 -11.04 31.55 22.92
N PRO B 46 -11.14 32.85 23.26
CA PRO B 46 -11.96 33.25 24.43
C PRO B 46 -13.49 33.10 24.28
N ARG B 47 -13.98 33.04 23.04
CA ARG B 47 -15.40 32.72 22.82
C ARG B 47 -15.56 31.27 22.33
N GLY B 48 -14.44 30.56 22.24
CA GLY B 48 -14.43 29.16 21.77
C GLY B 48 -14.54 28.99 20.26
N LYS B 49 -14.26 30.05 19.51
CA LYS B 49 -14.40 30.02 18.03
C LYS B 49 -13.10 29.62 17.37
N VAL B 50 -13.21 29.22 16.11
CA VAL B 50 -12.09 28.84 15.27
C VAL B 50 -12.15 29.79 14.08
N PRO B 51 -11.01 30.25 13.54
CA PRO B 51 -9.62 29.95 13.86
C PRO B 51 -9.01 30.91 14.88
N VAL B 52 -7.79 30.51 15.29
CA VAL B 52 -6.95 31.33 16.14
C VAL B 52 -5.55 31.31 15.50
N LEU B 53 -4.91 32.47 15.45
CA LEU B 53 -3.52 32.51 15.00
C LEU B 53 -2.63 32.65 16.23
N GLU B 54 -1.58 31.82 16.32
CA GLU B 54 -0.57 31.98 17.34
C GLU B 54 0.64 32.70 16.78
N THR B 55 1.00 33.79 17.45
CA THR B 55 2.17 34.57 17.06
C THR B 55 3.17 34.53 18.20
N GLU B 56 4.33 35.13 17.99
CA GLU B 56 5.33 35.32 19.04
C GLU B 56 4.75 36.09 20.24
N HIS B 57 3.67 36.85 20.02
CA HIS B 57 3.07 37.68 21.05
C HIS B 57 1.86 37.05 21.76
N GLY B 58 1.43 35.89 21.29
CA GLY B 58 0.22 35.28 21.82
C GLY B 58 -0.81 34.98 20.74
N PHE B 59 -2.00 34.60 21.18
CA PHE B 59 -3.07 34.16 20.30
C PHE B 59 -3.94 35.35 19.88
N LEU B 60 -4.36 35.34 18.61
CA LEU B 60 -5.41 36.22 18.09
C LEU B 60 -6.54 35.40 17.49
N SER B 61 -7.78 35.69 17.88
CA SER B 61 -8.97 35.06 17.32
C SER B 61 -9.73 36.05 16.42
N GLU B 62 -10.74 35.54 15.74
CA GLU B 62 -11.60 36.30 14.82
C GLU B 62 -10.92 36.46 13.46
N THR B 63 -11.50 35.83 12.45
CA THR B 63 -10.94 35.81 11.10
C THR B 63 -10.63 37.21 10.58
N SER B 64 -11.58 38.13 10.70
CA SER B 64 -11.37 39.47 10.15
C SER B 64 -10.18 40.15 10.83
N VAL B 65 -10.05 39.94 12.14
CA VAL B 65 -8.93 40.49 12.91
C VAL B 65 -7.59 39.85 12.53
N ILE B 66 -7.61 38.53 12.40
CA ILE B 66 -6.41 37.79 11.99
C ILE B 66 -5.95 38.22 10.59
N LEU B 67 -6.89 38.37 9.67
CA LEU B 67 -6.51 38.80 8.31
C LEU B 67 -5.86 40.18 8.31
N ASP B 68 -6.44 41.13 9.06
CA ASP B 68 -5.85 42.46 9.15
C ASP B 68 -4.47 42.43 9.75
N TYR B 69 -4.30 41.63 10.79
CA TYR B 69 -2.98 41.49 11.41
C TYR B 69 -1.94 40.94 10.42
N ILE B 70 -2.31 39.89 9.70
CA ILE B 70 -1.47 39.33 8.62
C ILE B 70 -1.11 40.40 7.60
N GLU B 71 -2.10 41.14 7.10
CA GLU B 71 -1.80 42.19 6.13
C GLU B 71 -0.84 43.23 6.67
N GLN B 72 -0.94 43.55 7.95
CA GLN B 72 -0.15 44.67 8.49
C GLN B 72 1.29 44.24 8.77
N THR B 73 1.50 42.95 9.05
CA THR B 73 2.80 42.50 9.58
C THR B 73 3.62 41.61 8.66
N GLN B 74 2.96 40.94 7.69
CA GLN B 74 3.65 39.90 6.92
C GLN B 74 4.12 40.37 5.55
N GLY B 75 5.16 39.71 5.07
CA GLY B 75 5.60 39.87 3.68
C GLY B 75 4.68 39.19 2.70
N GLY B 76 4.83 39.49 1.43
CA GLY B 76 4.05 38.78 0.43
C GLY B 76 3.12 39.71 -0.34
N LYS B 77 2.40 39.11 -1.30
CA LYS B 77 1.42 39.79 -2.15
C LYS B 77 0.40 40.56 -1.30
N ALA B 78 0.19 41.84 -1.60
CA ALA B 78 -0.81 42.63 -0.89
C ALA B 78 -2.24 42.12 -1.21
N LEU B 79 -3.06 41.98 -0.18
CA LEU B 79 -4.49 41.62 -0.36
C LEU B 79 -5.38 42.79 0.00
N LEU B 80 -4.79 43.99 -0.01
CA LEU B 80 -5.59 45.23 0.05
C LEU B 80 -4.93 46.24 -0.89
N PRO B 81 -5.74 47.23 -1.36
CA PRO B 81 -5.13 48.30 -2.12
C PRO B 81 -4.33 49.19 -1.18
N ALA B 82 -3.53 50.09 -1.74
CA ALA B 82 -2.64 50.94 -0.93
C ALA B 82 -3.34 52.15 -0.25
N ASP B 83 -4.48 52.59 -0.77
CA ASP B 83 -5.12 53.83 -0.29
C ASP B 83 -6.08 53.57 0.87
N PRO B 84 -6.08 54.47 1.86
CA PRO B 84 -6.89 54.12 3.02
C PRO B 84 -8.41 54.05 2.79
N PHE B 85 -8.98 54.87 1.91
CA PHE B 85 -10.41 54.71 1.64
C PHE B 85 -10.68 53.38 0.92
N GLY B 86 -9.84 53.00 -0.06
CA GLY B 86 -10.02 51.69 -0.72
C GLY B 86 -9.90 50.52 0.27
N GLN B 87 -8.95 50.62 1.20
CA GLN B 87 -8.86 49.60 2.26
C GLN B 87 -10.13 49.53 3.09
N ALA B 88 -10.69 50.69 3.46
CA ALA B 88 -11.93 50.69 4.25
C ALA B 88 -13.07 50.08 3.45
N LYS B 89 -13.12 50.32 2.13
CA LYS B 89 -14.20 49.78 1.32
CA LYS B 89 -14.20 49.77 1.31
C LYS B 89 -14.08 48.25 1.27
N VAL B 90 -12.86 47.73 1.19
CA VAL B 90 -12.67 46.26 1.26
C VAL B 90 -13.20 45.71 2.60
N ARG B 91 -12.85 46.39 3.70
CA ARG B 91 -13.29 45.94 5.00
C ARG B 91 -14.82 46.07 5.19
N GLU B 92 -15.43 47.08 4.59
CA GLU B 92 -16.90 47.22 4.62
C GLU B 92 -17.58 46.04 3.93
N LEU B 93 -17.08 45.71 2.74
CA LEU B 93 -17.58 44.58 1.98
C LEU B 93 -17.39 43.27 2.74
N LEU B 94 -16.21 43.07 3.33
CA LEU B 94 -15.96 41.86 4.10
C LEU B 94 -16.93 41.76 5.30
N LYS B 95 -17.10 42.86 6.01
CA LYS B 95 -18.01 42.90 7.19
C LYS B 95 -19.45 42.61 6.74
N GLU B 96 -19.83 43.18 5.59
CA GLU B 96 -21.21 43.00 5.14
C GLU B 96 -21.46 41.55 4.75
N ILE B 97 -20.48 40.90 4.12
CA ILE B 97 -20.64 39.50 3.81
C ILE B 97 -20.71 38.69 5.11
N GLU B 98 -19.89 39.02 6.09
CA GLU B 98 -19.86 38.23 7.32
C GLU B 98 -21.18 38.37 8.11
N LEU B 99 -21.59 39.61 8.36
CA LEU B 99 -22.77 39.91 9.18
C LEU B 99 -24.11 39.65 8.49
N TYR B 100 -24.17 39.88 7.18
CA TYR B 100 -25.46 39.83 6.48
C TYR B 100 -25.63 38.62 5.59
N ILE B 101 -24.58 37.80 5.42
CA ILE B 101 -24.73 36.55 4.64
C ILE B 101 -24.25 35.36 5.47
N GLU B 102 -23.00 35.39 5.93
CA GLU B 102 -22.48 34.19 6.58
C GLU B 102 -23.21 33.89 7.87
N LEU B 103 -23.36 34.88 8.77
CA LEU B 103 -24.03 34.64 10.06
C LEU B 103 -25.52 34.21 9.93
N PRO B 104 -26.31 34.84 9.03
CA PRO B 104 -27.70 34.33 8.92
C PRO B 104 -27.75 32.89 8.35
N ALA B 105 -26.97 32.63 7.31
CA ALA B 105 -26.83 31.27 6.77
C ALA B 105 -26.47 30.28 7.88
N ARG B 106 -25.53 30.69 8.74
CA ARG B 106 -25.04 29.84 9.81
C ARG B 106 -26.16 29.40 10.81
N THR B 107 -27.21 30.21 10.97
CA THR B 107 -28.33 29.82 11.82
C THR B 107 -29.05 28.58 11.30
N CYS B 108 -28.79 28.23 10.04
CA CYS B 108 -29.42 27.08 9.40
C CYS B 108 -28.47 25.91 9.09
N TYR B 109 -27.18 26.03 9.45
CA TYR B 109 -26.21 24.97 9.17
C TYR B 109 -26.60 23.64 9.85
N ALA B 110 -27.17 23.70 11.06
CA ALA B 110 -27.66 22.47 11.73
C ALA B 110 -28.48 21.62 10.76
N GLU B 111 -29.33 22.26 9.98
CA GLU B 111 -30.19 21.53 9.07
C GLU B 111 -29.51 21.21 7.73
N SER B 112 -28.81 22.18 7.16
CA SER B 112 -28.23 21.98 5.83
C SER B 112 -27.08 20.96 5.88
N PHE B 113 -26.34 20.95 6.98
CA PHE B 113 -25.15 20.14 7.06
C PHE B 113 -25.16 19.03 8.08
N PHE B 114 -25.86 19.22 9.19
CA PHE B 114 -25.79 18.26 10.30
C PHE B 114 -27.08 17.50 10.60
N GLY B 115 -27.99 17.42 9.64
CA GLY B 115 -29.18 16.57 9.77
C GLY B 115 -30.13 16.91 10.93
N SER B 117 -33.24 19.46 11.82
CA SER B 117 -34.21 20.46 11.39
C SER B 117 -34.28 21.70 12.31
N VAL B 118 -34.38 22.86 11.67
N VAL B 118 -34.32 22.87 11.71
CA VAL B 118 -34.44 24.15 12.35
CA VAL B 118 -34.43 24.08 12.52
C VAL B 118 -35.89 24.65 12.48
C VAL B 118 -35.87 24.60 12.54
N GLU B 119 -36.16 25.41 13.55
CA GLU B 119 -37.48 25.99 13.76
C GLU B 119 -37.92 26.95 12.65
N PRO B 120 -39.19 26.91 12.27
CA PRO B 120 -39.71 27.89 11.30
C PRO B 120 -39.32 29.36 11.56
N LEU B 121 -39.38 29.80 12.82
CA LEU B 121 -39.13 31.20 13.12
C LEU B 121 -37.69 31.54 12.69
N ILE B 122 -36.78 30.60 12.92
CA ILE B 122 -35.36 30.80 12.59
C ILE B 122 -35.19 30.74 11.06
N LYS B 123 -35.95 29.85 10.40
CA LYS B 123 -35.85 29.75 8.93
C LYS B 123 -36.34 31.00 8.26
N GLU B 124 -37.46 31.55 8.76
CA GLU B 124 -38.02 32.74 8.16
C GLU B 124 -37.17 33.98 8.37
N LYS B 125 -36.55 34.08 9.56
CA LYS B 125 -35.58 35.17 9.79
C LYS B 125 -34.37 35.05 8.85
N ALA B 126 -33.88 33.82 8.65
CA ALA B 126 -32.73 33.60 7.79
C ALA B 126 -33.08 33.96 6.37
N ARG B 127 -34.28 33.61 5.94
CA ARG B 127 -34.66 33.94 4.57
C ARG B 127 -34.61 35.43 4.37
N ALA B 128 -35.23 36.20 5.28
CA ALA B 128 -35.31 37.66 5.09
C ALA B 128 -33.94 38.32 5.21
N ASP B 129 -33.15 37.85 6.18
CA ASP B 129 -31.78 38.37 6.33
C ASP B 129 -30.89 38.06 5.09
N LEU B 130 -30.98 36.84 4.56
CA LEU B 130 -30.14 36.44 3.41
C LEU B 130 -30.56 37.18 2.18
N LEU B 131 -31.87 37.33 1.97
CA LEU B 131 -32.31 38.16 0.82
C LEU B 131 -31.71 39.57 0.90
N ALA B 132 -31.72 40.15 2.09
CA ALA B 132 -31.19 41.49 2.26
C ALA B 132 -29.66 41.52 2.13
N GLY B 133 -28.97 40.52 2.69
CA GLY B 133 -27.50 40.46 2.62
C GLY B 133 -27.01 40.28 1.17
N PHE B 134 -27.69 39.44 0.40
CA PHE B 134 -27.36 39.29 -1.02
C PHE B 134 -27.65 40.56 -1.82
N ALA B 135 -28.75 41.23 -1.50
CA ALA B 135 -29.02 42.52 -2.13
C ALA B 135 -27.95 43.60 -1.80
N THR B 136 -27.50 43.62 -0.56
CA THR B 136 -26.47 44.55 -0.16
C THR B 136 -25.17 44.30 -0.91
N LEU B 137 -24.82 43.02 -1.07
CA LEU B 137 -23.58 42.64 -1.76
C LEU B 137 -23.71 43.01 -3.25
N LYS B 138 -24.89 42.81 -3.82
CA LYS B 138 -25.10 43.20 -5.22
C LYS B 138 -24.94 44.70 -5.40
N ARG B 139 -25.52 45.48 -4.50
CA ARG B 139 -25.49 46.91 -4.70
C ARG B 139 -24.12 47.53 -4.37
N ASN B 140 -23.40 46.95 -3.41
CA ASN B 140 -22.14 47.55 -2.92
C ASN B 140 -20.88 46.96 -3.55
N GLY B 141 -20.97 45.72 -4.03
CA GLY B 141 -19.80 45.04 -4.62
C GLY B 141 -19.56 45.55 -6.01
N ARG B 142 -18.31 45.53 -6.46
CA ARG B 142 -17.99 45.99 -7.80
C ARG B 142 -17.92 44.81 -8.79
N PHE B 143 -17.49 43.64 -8.30
CA PHE B 143 -17.39 42.41 -9.12
C PHE B 143 -16.70 42.67 -10.45
N ALA B 144 -15.44 43.13 -10.38
CA ALA B 144 -14.75 43.59 -11.58
C ALA B 144 -13.42 42.87 -11.94
N PRO B 145 -13.33 41.53 -11.77
CA PRO B 145 -14.39 40.60 -11.38
C PRO B 145 -14.47 40.38 -9.88
N TYR B 146 -13.48 40.85 -9.13
CA TYR B 146 -13.43 40.58 -7.69
C TYR B 146 -14.43 41.47 -6.93
N VAL B 147 -14.71 41.08 -5.68
CA VAL B 147 -15.76 41.78 -4.94
C VAL B 147 -15.55 43.29 -4.90
N ALA B 148 -14.33 43.70 -4.62
CA ALA B 148 -14.01 45.13 -4.39
C ALA B 148 -13.52 45.86 -5.65
N GLY B 149 -13.30 45.13 -6.74
CA GLY B 149 -12.75 45.76 -7.94
C GLY B 149 -11.95 44.79 -8.80
N GLU B 150 -10.80 45.24 -9.30
CA GLU B 150 -10.09 44.51 -10.34
C GLU B 150 -9.05 43.57 -9.79
N GLN B 151 -8.83 43.63 -8.48
CA GLN B 151 -7.82 42.79 -7.85
C GLN B 151 -8.38 42.00 -6.68
N LEU B 152 -7.80 40.82 -6.44
CA LEU B 152 -8.14 39.97 -5.32
C LEU B 152 -7.84 40.72 -4.02
N THR B 153 -8.78 40.68 -3.07
CA THR B 153 -8.59 41.32 -1.76
C THR B 153 -9.13 40.41 -0.70
N LEU B 154 -8.91 40.80 0.54
CA LEU B 154 -9.48 40.07 1.68
C LEU B 154 -11.00 39.81 1.53
N ALA B 155 -11.72 40.75 0.92
CA ALA B 155 -13.17 40.56 0.83
C ALA B 155 -13.53 39.33 -0.02
N ASP B 156 -12.68 39.00 -0.98
CA ASP B 156 -12.91 37.76 -1.78
C ASP B 156 -12.76 36.46 -1.02
N LEU B 157 -11.94 36.48 0.02
CA LEU B 157 -11.83 35.33 0.89
C LEU B 157 -13.11 35.12 1.68
N PHE B 159 -15.96 36.22 0.85
CA PHE B 159 -16.94 35.87 -0.17
C PHE B 159 -16.92 34.38 -0.57
N CYS B 160 -15.75 33.86 -0.93
CA CYS B 160 -15.71 32.53 -1.56
C CYS B 160 -15.97 31.41 -0.54
N PHE B 161 -15.72 31.69 0.74
CA PHE B 161 -16.02 30.72 1.78
C PHE B 161 -17.32 30.97 2.55
N SER B 162 -18.07 32.03 2.20
CA SER B 162 -19.40 32.25 2.80
C SER B 162 -20.51 31.98 1.79
N VAL B 163 -20.34 32.46 0.56
CA VAL B 163 -21.47 32.50 -0.35
C VAL B 163 -21.80 31.11 -0.87
N ASP B 164 -20.78 30.27 -0.99
CA ASP B 164 -20.97 28.84 -1.28
C ASP B 164 -21.92 28.17 -0.25
N LEU B 165 -21.59 28.32 1.04
CA LEU B 165 -22.42 27.74 2.10
C LEU B 165 -23.81 28.36 2.19
N ALA B 166 -23.91 29.66 1.98
CA ALA B 166 -25.21 30.35 2.06
C ALA B 166 -26.10 29.88 0.93
N ASN B 167 -25.52 29.66 -0.25
CA ASN B 167 -26.32 29.16 -1.36
C ASN B 167 -26.81 27.74 -1.13
N ALA B 168 -25.98 26.91 -0.51
CA ALA B 168 -26.38 25.57 -0.07
C ALA B 168 -27.54 25.63 0.92
N VAL B 169 -27.46 26.52 1.91
CA VAL B 169 -28.58 26.77 2.82
C VAL B 169 -29.82 27.21 2.04
N GLY B 170 -29.62 28.13 1.12
CA GLY B 170 -30.75 28.59 0.34
C GLY B 170 -31.44 27.42 -0.33
N LYS B 171 -30.69 26.61 -1.05
CA LYS B 171 -31.34 25.54 -1.83
C LYS B 171 -31.95 24.44 -0.96
N LYS B 172 -31.21 24.02 0.06
CA LYS B 172 -31.60 22.87 0.87
C LYS B 172 -32.63 23.19 1.95
N VAL B 173 -32.55 24.38 2.54
CA VAL B 173 -33.38 24.71 3.70
C VAL B 173 -34.50 25.69 3.39
N LEU B 174 -34.24 26.66 2.52
CA LEU B 174 -35.18 27.76 2.30
C LEU B 174 -35.86 27.70 0.94
N ASN B 175 -35.50 26.73 0.12
CA ASN B 175 -36.06 26.68 -1.24
C ASN B 175 -35.76 27.94 -2.09
N ILE B 176 -34.56 28.51 -1.94
CA ILE B 176 -34.15 29.65 -2.77
C ILE B 176 -32.73 29.44 -3.27
N ASP B 177 -32.51 29.62 -4.56
CA ASP B 177 -31.16 29.59 -5.13
C ASP B 177 -30.71 31.06 -5.30
N PHE B 178 -30.02 31.59 -4.30
CA PHE B 178 -29.57 32.98 -4.35
C PHE B 178 -28.72 33.29 -5.58
N LEU B 179 -27.84 32.38 -5.95
CA LEU B 179 -26.86 32.66 -7.01
C LEU B 179 -27.47 32.60 -8.41
N ALA B 180 -28.66 32.00 -8.52
CA ALA B 180 -29.32 31.90 -9.83
C ALA B 180 -29.62 33.26 -10.48
N ASP B 181 -29.83 34.27 -9.66
N ASP B 181 -29.85 34.32 -9.71
CA ASP B 181 -30.08 35.62 -10.13
CA ASP B 181 -30.02 35.63 -10.34
C ASP B 181 -28.96 36.60 -9.74
C ASP B 181 -28.90 36.62 -10.01
N PHE B 182 -27.73 36.10 -9.66
CA PHE B 182 -26.60 36.95 -9.26
C PHE B 182 -25.38 36.51 -10.08
N PRO B 183 -25.42 36.79 -11.38
CA PRO B 183 -24.42 36.21 -12.25
C PRO B 183 -22.99 36.67 -11.94
N GLN B 184 -22.81 37.91 -11.51
CA GLN B 184 -21.44 38.38 -11.21
C GLN B 184 -20.84 37.59 -10.04
N ALA B 185 -21.70 37.21 -9.08
CA ALA B 185 -21.26 36.39 -7.94
C ALA B 185 -20.98 34.93 -8.35
N LYS B 186 -21.84 34.35 -9.19
CA LYS B 186 -21.61 32.99 -9.66
C LYS B 186 -20.28 32.94 -10.39
N ALA B 187 -20.01 33.96 -11.20
CA ALA B 187 -18.77 34.01 -11.99
C ALA B 187 -17.54 34.16 -11.10
N LEU B 188 -17.66 34.98 -10.06
CA LEU B 188 -16.53 35.16 -9.16
C LEU B 188 -16.25 33.87 -8.42
N LEU B 189 -17.30 33.17 -8.01
N LEU B 189 -17.30 33.17 -7.97
CA LEU B 189 -17.10 31.98 -7.23
CA LEU B 189 -17.08 31.92 -7.23
C LEU B 189 -16.36 30.88 -8.04
C LEU B 189 -16.25 30.94 -8.08
N GLN B 190 -16.62 30.81 -9.34
CA GLN B 190 -15.91 29.87 -10.19
C GLN B 190 -14.46 30.31 -10.38
N LEU B 191 -14.23 31.61 -10.52
CA LEU B 191 -12.87 32.12 -10.66
C LEU B 191 -12.05 31.77 -9.41
N GLY B 193 -12.57 29.40 -7.39
CA GLY B 193 -12.40 27.94 -7.42
C GLY B 193 -11.21 27.50 -8.26
N GLU B 194 -10.78 28.35 -9.19
CA GLU B 194 -9.61 28.04 -10.03
C GLU B 194 -8.31 28.55 -9.39
N ASN B 195 -8.39 29.15 -8.22
CA ASN B 195 -7.15 29.55 -7.52
C ASN B 195 -6.26 28.33 -7.36
N PRO B 196 -4.92 28.48 -7.57
CA PRO B 196 -4.03 27.31 -7.56
C PRO B 196 -3.94 26.63 -6.19
N HIS B 197 -4.32 27.32 -5.12
CA HIS B 197 -4.31 26.74 -3.77
C HIS B 197 -5.62 26.07 -3.39
N PRO B 199 -7.25 23.45 -4.70
CA PRO B 199 -7.31 21.99 -4.57
C PRO B 199 -6.75 21.51 -3.24
N ARG B 200 -5.68 22.13 -2.75
CA ARG B 200 -5.14 21.75 -1.45
CA ARG B 200 -5.13 21.76 -1.45
C ARG B 200 -6.13 22.00 -0.32
N ILE B 201 -6.79 23.16 -0.36
CA ILE B 201 -7.79 23.49 0.66
C ILE B 201 -8.90 22.45 0.63
N LEU B 202 -9.41 22.13 -0.56
CA LEU B 202 -10.54 21.17 -0.61
C LEU B 202 -10.13 19.75 -0.24
N ALA B 203 -8.92 19.33 -0.64
CA ALA B 203 -8.44 18.00 -0.30
C ALA B 203 -8.27 17.85 1.22
N ASP B 204 -7.67 18.85 1.86
CA ASP B 204 -7.52 18.87 3.32
C ASP B 204 -8.87 18.83 4.03
N LYS B 205 -9.84 19.56 3.48
N LYS B 205 -9.84 19.56 3.47
CA LYS B 205 -11.18 19.56 4.05
CA LYS B 205 -11.18 19.57 4.03
C LYS B 205 -11.78 18.16 4.03
C LYS B 205 -11.81 18.18 4.02
N GLU B 206 -11.74 17.53 2.86
CA GLU B 206 -12.27 16.16 2.72
C GLU B 206 -11.54 15.18 3.67
N ALA B 207 -10.23 15.32 3.76
CA ALA B 207 -9.44 14.45 4.62
C ALA B 207 -9.78 14.63 6.11
N SER B 208 -10.21 15.83 6.49
N SER B 208 -10.19 15.82 6.50
CA SER B 208 -10.46 16.18 7.89
CA SER B 208 -10.44 16.14 7.91
C SER B 208 -11.89 15.93 8.32
C SER B 208 -11.89 15.93 8.33
N PRO B 210 -14.03 13.19 8.45
CA PRO B 210 -14.44 12.14 9.42
C PRO B 210 -14.07 12.49 10.88
N ALA B 211 -12.89 13.04 11.14
CA ALA B 211 -12.51 13.37 12.52
C ALA B 211 -13.39 14.49 13.09
N PHE B 212 -13.73 15.47 12.25
CA PHE B 212 -14.63 16.52 12.69
C PHE B 212 -15.99 15.89 13.05
N GLU B 214 -16.70 12.90 13.89
CA GLU B 214 -16.53 12.09 15.10
C GLU B 214 -16.52 12.97 16.37
N ILE B 216 -18.04 15.76 16.66
CA ILE B 216 -19.42 16.19 16.79
C ILE B 216 -20.26 15.12 17.49
N ARG B 217 -20.20 13.87 17.01
CA ARG B 217 -20.92 12.76 17.63
C ARG B 217 -20.61 12.51 19.11
N SER B 218 -19.36 12.68 19.54
CA SER B 218 -19.08 12.54 20.97
C SER B 218 -18.97 13.89 21.65
N SER C 2 -4.69 -9.79 38.45
CA SER C 2 -3.86 -10.90 37.90
C SER C 2 -3.34 -10.63 36.47
N LEU C 3 -3.22 -9.37 36.09
CA LEU C 3 -2.38 -9.01 34.95
C LEU C 3 -1.31 -8.06 35.47
N LYS C 4 -0.07 -8.26 35.05
CA LYS C 4 0.99 -7.30 35.40
C LYS C 4 1.70 -6.85 34.15
N LEU C 5 1.92 -5.55 34.03
CA LEU C 5 2.55 -5.01 32.83
C LEU C 5 3.95 -4.49 33.19
N TYR C 6 4.98 -5.16 32.68
CA TYR C 6 6.39 -4.80 32.94
C TYR C 6 6.91 -3.84 31.87
N GLY C 7 7.41 -2.68 32.31
CA GLY C 7 8.06 -1.78 31.39
C GLY C 7 8.17 -0.43 32.09
N PHE C 8 8.13 0.64 31.31
CA PHE C 8 8.26 1.98 31.87
C PHE C 8 7.48 2.96 31.01
N SER C 9 6.99 4.03 31.63
CA SER C 9 6.00 4.90 30.98
C SER C 9 6.56 5.83 29.93
N VAL C 10 7.89 5.85 29.75
CA VAL C 10 8.51 6.54 28.62
C VAL C 10 8.50 5.67 27.33
N SER C 11 8.32 4.34 27.48
CA SER C 11 8.29 3.44 26.30
C SER C 11 7.00 3.60 25.52
N ASN C 12 7.10 3.85 24.21
CA ASN C 12 5.90 3.94 23.38
C ASN C 12 5.19 2.62 23.25
N TYR C 13 5.94 1.53 23.10
CA TYR C 13 5.30 0.21 23.01
C TYR C 13 4.58 -0.14 24.32
N TYR C 14 5.16 0.25 25.45
CA TYR C 14 4.52 0.01 26.78
C TYR C 14 3.21 0.78 26.85
N ASN C 15 3.28 2.04 26.40
CA ASN C 15 2.09 2.88 26.40
C ASN C 15 0.93 2.39 25.52
N VAL C 17 0.17 -0.79 25.10
CA VAL C 17 -0.53 -1.81 25.88
C VAL C 17 -1.31 -1.19 27.04
N LYS C 18 -0.67 -0.25 27.73
CA LYS C 18 -1.30 0.47 28.83
C LYS C 18 -2.60 1.15 28.37
N LEU C 19 -2.61 1.79 27.20
CA LEU C 19 -3.86 2.39 26.71
C LEU C 19 -4.94 1.35 26.38
N ALA C 20 -4.55 0.22 25.81
CA ALA C 20 -5.53 -0.86 25.57
C ALA C 20 -6.14 -1.32 26.89
N LEU C 21 -5.30 -1.55 27.89
CA LEU C 21 -5.82 -2.00 29.18
C LEU C 21 -6.78 -0.97 29.80
N LEU C 22 -6.40 0.32 29.73
CA LEU C 22 -7.27 1.36 30.30
C LEU C 22 -8.57 1.49 29.53
N GLU C 23 -8.48 1.41 28.22
CA GLU C 23 -9.65 1.59 27.38
C GLU C 23 -10.63 0.44 27.64
N LYS C 24 -10.11 -0.73 27.96
CA LYS C 24 -10.93 -1.92 28.22
C LYS C 24 -11.44 -2.04 29.67
N GLY C 25 -11.06 -1.09 30.52
CA GLY C 25 -11.46 -1.08 31.93
C GLY C 25 -10.89 -2.22 32.75
N LEU C 26 -9.70 -2.69 32.36
CA LEU C 26 -9.12 -3.86 32.99
C LEU C 26 -8.23 -3.48 34.17
N THR C 27 -8.22 -4.33 35.18
CA THR C 27 -7.32 -4.10 36.31
C THR C 27 -5.94 -4.61 35.97
N PHE C 28 -4.92 -3.81 36.27
CA PHE C 28 -3.57 -4.27 36.06
C PHE C 28 -2.61 -3.58 37.01
N GLU C 29 -1.46 -4.22 37.22
CA GLU C 29 -0.39 -3.66 38.02
C GLU C 29 0.78 -3.31 37.12
N GLU C 30 1.27 -2.08 37.23
CA GLU C 30 2.50 -1.70 36.51
C GLU C 30 3.72 -2.05 37.34
N VAL C 31 4.72 -2.66 36.69
CA VAL C 31 5.99 -3.04 37.29
C VAL C 31 7.10 -2.34 36.52
N THR C 32 7.86 -1.49 37.19
CA THR C 32 9.00 -0.82 36.50
C THR C 32 10.07 -1.82 36.02
N PHE C 33 10.38 -1.78 34.73
CA PHE C 33 11.29 -2.74 34.12
C PHE C 33 11.81 -2.10 32.85
N TYR C 34 13.13 -2.08 32.68
CA TYR C 34 13.72 -1.37 31.53
C TYR C 34 14.28 -2.35 30.48
N GLY C 35 14.16 -3.63 30.76
CA GLY C 35 14.66 -4.65 29.83
C GLY C 35 16.17 -4.62 29.76
N GLY C 36 16.71 -4.73 28.54
CA GLY C 36 18.15 -4.80 28.34
C GLY C 36 18.74 -6.21 28.40
N GLN C 37 20.06 -6.27 28.37
CA GLN C 37 20.73 -7.52 28.08
C GLN C 37 21.27 -8.25 29.29
N ALA C 38 20.97 -7.75 30.49
CA ALA C 38 21.40 -8.44 31.70
C ALA C 38 20.67 -9.77 31.83
N PRO C 39 21.38 -10.81 32.34
CA PRO C 39 20.82 -12.15 32.45
C PRO C 39 19.48 -12.18 33.18
N GLN C 40 19.33 -11.42 34.26
N GLN C 40 19.39 -11.38 34.24
CA GLN C 40 18.02 -11.41 34.93
CA GLN C 40 18.17 -11.19 35.00
C GLN C 40 16.92 -10.80 34.04
C GLN C 40 17.00 -10.76 34.11
N ALA C 41 17.27 -9.78 33.25
CA ALA C 41 16.27 -9.15 32.38
C ALA C 41 15.85 -10.07 31.24
N LEU C 42 16.81 -10.80 30.67
CA LEU C 42 16.54 -11.77 29.60
C LEU C 42 15.67 -12.96 30.05
N GLU C 43 15.70 -13.30 31.34
CA GLU C 43 14.81 -14.33 31.84
C GLU C 43 13.35 -13.84 31.87
N VAL C 44 13.14 -12.53 31.91
CA VAL C 44 11.81 -11.96 31.80
C VAL C 44 11.40 -11.76 30.34
N SER C 45 12.28 -11.13 29.58
CA SER C 45 11.99 -10.77 28.18
C SER C 45 13.13 -11.27 27.32
N PRO C 46 12.88 -12.27 26.47
CA PRO C 46 13.99 -13.03 25.87
C PRO C 46 14.88 -12.28 24.88
N ARG C 47 14.42 -11.16 24.32
CA ARG C 47 15.29 -10.29 23.49
C ARG C 47 15.63 -8.99 24.24
N GLY C 48 15.17 -8.89 25.49
CA GLY C 48 15.48 -7.71 26.32
C GLY C 48 14.58 -6.52 26.07
N LYS C 49 13.43 -6.76 25.42
CA LYS C 49 12.51 -5.70 24.96
C LYS C 49 11.45 -5.45 26.00
N VAL C 50 10.88 -4.25 25.95
CA VAL C 50 9.75 -3.87 26.79
C VAL C 50 8.60 -3.58 25.81
N PRO C 51 7.33 -3.87 26.18
CA PRO C 51 6.82 -4.36 27.46
C PRO C 51 6.74 -5.88 27.52
N VAL C 52 6.47 -6.38 28.72
CA VAL C 52 6.18 -7.80 28.93
C VAL C 52 4.91 -7.87 29.76
N LEU C 53 4.03 -8.81 29.43
CA LEU C 53 2.80 -9.02 30.18
C LEU C 53 2.98 -10.28 31.03
N GLU C 54 2.79 -10.16 32.35
CA GLU C 54 2.83 -11.35 33.16
C GLU C 54 1.40 -11.82 33.41
N THR C 55 1.17 -13.07 33.07
CA THR C 55 -0.15 -13.71 33.23
C THR C 55 -0.03 -14.87 34.20
N GLU C 56 -1.16 -15.49 34.53
CA GLU C 56 -1.16 -16.73 35.33
C GLU C 56 -0.25 -17.82 34.69
N HIS C 57 -0.07 -17.76 33.37
CA HIS C 57 0.68 -18.79 32.65
C HIS C 57 2.15 -18.45 32.42
N GLY C 58 2.57 -17.26 32.82
CA GLY C 58 3.95 -16.85 32.55
C GLY C 58 4.00 -15.58 31.70
N PHE C 59 5.19 -15.22 31.20
CA PHE C 59 5.42 -13.93 30.57
C PHE C 59 5.19 -13.99 29.09
N LEU C 60 4.60 -12.93 28.52
CA LEU C 60 4.51 -12.76 27.06
C LEU C 60 5.14 -11.42 26.69
N SER C 61 6.03 -11.43 25.70
CA SER C 61 6.64 -10.20 25.21
C SER C 61 6.14 -9.86 23.79
N GLU C 62 6.49 -8.66 23.31
CA GLU C 62 6.14 -8.20 21.97
C GLU C 62 4.73 -7.56 22.01
N THR C 63 4.68 -6.24 21.91
CA THR C 63 3.43 -5.50 21.94
C THR C 63 2.33 -6.10 21.07
N SER C 64 2.61 -6.40 19.80
CA SER C 64 1.54 -6.92 18.94
C SER C 64 1.00 -8.23 19.47
N VAL C 65 1.89 -9.03 20.05
CA VAL C 65 1.51 -10.35 20.55
C VAL C 65 0.69 -10.18 21.84
N ILE C 66 1.14 -9.31 22.70
CA ILE C 66 0.43 -8.96 23.95
C ILE C 66 -0.96 -8.42 23.64
N LEU C 67 -1.05 -7.50 22.68
CA LEU C 67 -2.35 -6.92 22.36
C LEU C 67 -3.33 -7.98 21.87
N ASP C 68 -2.85 -8.90 21.04
CA ASP C 68 -3.76 -9.96 20.55
C ASP C 68 -4.22 -10.86 21.70
N TYR C 69 -3.31 -11.22 22.58
CA TYR C 69 -3.66 -12.08 23.72
C TYR C 69 -4.73 -11.41 24.60
N ILE C 70 -4.51 -10.14 24.92
CA ILE C 70 -5.50 -9.36 25.69
C ILE C 70 -6.87 -9.36 24.98
N GLU C 71 -6.86 -9.12 23.67
CA GLU C 71 -8.11 -9.06 22.92
C GLU C 71 -8.89 -10.38 22.96
N GLN C 72 -8.15 -11.48 22.88
CA GLN C 72 -8.75 -12.80 22.89
C GLN C 72 -9.30 -13.20 24.28
N THR C 73 -8.61 -12.83 25.34
CA THR C 73 -8.85 -13.48 26.64
C THR C 73 -9.46 -12.61 27.70
N GLN C 74 -9.38 -11.30 27.53
CA GLN C 74 -9.79 -10.42 28.61
C GLN C 74 -11.12 -9.79 28.24
N GLY C 75 -11.81 -9.18 29.18
CA GLY C 75 -13.12 -8.64 28.79
C GLY C 75 -12.95 -7.24 28.23
N GLY C 76 -14.03 -6.46 28.28
CA GLY C 76 -13.94 -5.03 28.06
C GLY C 76 -14.11 -4.70 26.60
N LYS C 77 -14.13 -3.40 26.31
CA LYS C 77 -14.41 -2.87 25.00
C LYS C 77 -13.60 -3.59 23.90
N ALA C 78 -14.29 -4.05 22.86
CA ALA C 78 -13.62 -4.71 21.72
C ALA C 78 -12.83 -3.66 20.91
N LEU C 79 -11.63 -4.05 20.45
CA LEU C 79 -10.79 -3.18 19.62
C LEU C 79 -10.51 -3.87 18.28
N LEU C 80 -11.43 -4.74 17.86
CA LEU C 80 -11.42 -5.31 16.52
C LEU C 80 -12.84 -5.46 16.05
N PRO C 81 -13.04 -5.47 14.72
CA PRO C 81 -14.36 -5.72 14.16
C PRO C 81 -14.76 -7.19 14.27
N ALA C 82 -16.01 -7.49 13.94
CA ALA C 82 -16.55 -8.84 14.01
C ALA C 82 -16.04 -9.81 12.96
N ASP C 83 -15.69 -9.30 11.77
CA ASP C 83 -15.40 -10.17 10.65
C ASP C 83 -13.90 -10.51 10.57
N PRO C 84 -13.58 -11.75 10.23
CA PRO C 84 -12.16 -12.10 10.26
C PRO C 84 -11.26 -11.34 9.24
N PHE C 85 -11.79 -11.03 8.05
CA PHE C 85 -10.98 -10.26 7.10
C PHE C 85 -10.69 -8.87 7.66
N GLY C 86 -11.72 -8.23 8.24
CA GLY C 86 -11.57 -6.92 8.89
C GLY C 86 -10.54 -6.97 10.01
N GLN C 87 -10.59 -8.04 10.80
CA GLN C 87 -9.56 -8.22 11.86
C GLN C 87 -8.16 -8.35 11.29
N ALA C 88 -8.00 -9.13 10.22
CA ALA C 88 -6.68 -9.26 9.59
C ALA C 88 -6.21 -7.91 9.04
N LYS C 89 -7.11 -7.12 8.46
CA LYS C 89 -6.75 -5.79 7.94
C LYS C 89 -6.25 -4.84 9.02
N VAL C 90 -6.86 -4.89 10.21
CA VAL C 90 -6.39 -4.11 11.36
C VAL C 90 -4.96 -4.55 11.66
N ARG C 91 -4.72 -5.87 11.68
CA ARG C 91 -3.39 -6.37 12.01
C ARG C 91 -2.38 -6.07 10.92
N GLU C 92 -2.85 -6.03 9.66
CA GLU C 92 -1.97 -5.63 8.55
C GLU C 92 -1.48 -4.17 8.72
N LEU C 93 -2.43 -3.28 9.02
CA LEU C 93 -2.11 -1.87 9.28
C LEU C 93 -1.24 -1.72 10.52
N LEU C 94 -1.57 -2.43 11.60
CA LEU C 94 -0.69 -2.39 12.78
C LEU C 94 0.74 -2.81 12.43
N LYS C 95 0.87 -3.92 11.72
CA LYS C 95 2.19 -4.39 11.36
C LYS C 95 2.93 -3.39 10.42
N GLU C 96 2.24 -2.81 9.45
CA GLU C 96 2.90 -1.80 8.58
C GLU C 96 3.41 -0.59 9.35
N ILE C 97 2.66 -0.11 10.33
CA ILE C 97 3.13 1.06 11.06
C ILE C 97 4.37 0.66 11.86
N GLU C 98 4.32 -0.51 12.45
CA GLU C 98 5.43 -0.97 13.28
C GLU C 98 6.73 -1.18 12.45
N LEU C 99 6.64 -1.97 11.40
CA LEU C 99 7.82 -2.29 10.59
C LEU C 99 8.32 -1.13 9.70
N TYR C 100 7.40 -0.33 9.16
CA TYR C 100 7.77 0.65 8.16
C TYR C 100 7.73 2.09 8.65
N ILE C 101 7.27 2.33 9.86
CA ILE C 101 7.34 3.68 10.45
C ILE C 101 8.10 3.63 11.78
N GLU C 102 7.66 2.80 12.72
CA GLU C 102 8.23 2.86 14.06
C GLU C 102 9.68 2.44 14.03
N LEU C 103 9.94 1.29 13.42
CA LEU C 103 11.30 0.75 13.44
C LEU C 103 12.29 1.66 12.71
N PRO C 104 11.94 2.17 11.50
CA PRO C 104 12.92 3.10 10.91
C PRO C 104 13.11 4.40 11.70
N ALA C 105 12.06 4.98 12.23
CA ALA C 105 12.22 6.19 13.08
C ALA C 105 13.12 5.88 14.28
N ARG C 106 12.90 4.71 14.86
CA ARG C 106 13.65 4.27 16.04
C ARG C 106 15.17 4.29 15.78
N THR C 107 15.58 4.02 14.54
CA THR C 107 17.03 4.09 14.23
C THR C 107 17.59 5.50 14.48
N CYS C 108 16.73 6.51 14.53
CA CYS C 108 17.18 7.91 14.74
C CYS C 108 16.84 8.48 16.11
N TYR C 109 16.26 7.67 17.01
CA TYR C 109 15.87 8.19 18.32
C TYR C 109 17.09 8.69 19.12
N ALA C 110 18.21 7.99 19.05
CA ALA C 110 19.42 8.47 19.72
C ALA C 110 19.66 9.95 19.45
N GLU C 111 19.46 10.37 18.20
CA GLU C 111 19.71 11.77 17.84
C GLU C 111 18.53 12.66 18.12
N SER C 112 17.32 12.21 17.79
CA SER C 112 16.16 13.05 18.01
C SER C 112 15.88 13.36 19.50
N PHE C 113 16.10 12.39 20.38
CA PHE C 113 15.69 12.51 21.76
C PHE C 113 16.80 12.49 22.80
N PHE C 114 17.91 11.84 22.49
CA PHE C 114 18.93 11.50 23.50
C PHE C 114 20.25 12.20 23.27
N GLY C 115 20.25 13.23 22.43
CA GLY C 115 21.38 14.13 22.29
C GLY C 115 22.60 13.51 21.64
N SER C 117 24.47 11.50 17.97
CA SER C 117 24.56 11.68 16.53
C SER C 117 24.44 10.32 15.85
N VAL C 118 23.56 10.21 14.86
CA VAL C 118 23.39 8.97 14.11
C VAL C 118 24.20 9.05 12.80
N GLU C 119 24.81 7.94 12.39
CA GLU C 119 25.61 7.91 11.14
C GLU C 119 24.79 8.44 9.96
N PRO C 120 25.41 9.24 9.08
CA PRO C 120 24.71 9.66 7.89
C PRO C 120 24.08 8.49 7.12
N LEU C 121 24.76 7.35 7.04
CA LEU C 121 24.19 6.23 6.29
C LEU C 121 22.86 5.77 6.87
N ILE C 122 22.81 5.66 8.20
CA ILE C 122 21.59 5.32 8.91
C ILE C 122 20.49 6.37 8.69
N LYS C 123 20.84 7.64 8.74
CA LYS C 123 19.87 8.71 8.48
C LYS C 123 19.26 8.65 7.09
N GLU C 124 20.11 8.47 6.08
CA GLU C 124 19.61 8.40 4.72
CA GLU C 124 19.70 8.33 4.69
C GLU C 124 18.72 7.17 4.54
N LYS C 125 19.08 6.05 5.15
CA LYS C 125 18.22 4.87 5.08
C LYS C 125 16.89 5.13 5.81
N ALA C 126 16.93 5.82 6.95
CA ALA C 126 15.70 6.12 7.71
C ALA C 126 14.79 7.02 6.91
N ARG C 127 15.39 7.99 6.25
CA ARG C 127 14.62 8.89 5.40
C ARG C 127 13.83 8.15 4.32
N ALA C 128 14.53 7.30 3.59
CA ALA C 128 13.94 6.52 2.51
C ALA C 128 12.86 5.60 3.07
N ASP C 129 13.18 4.93 4.16
CA ASP C 129 12.22 3.97 4.76
C ASP C 129 10.96 4.65 5.30
N LEU C 130 11.11 5.80 5.94
CA LEU C 130 9.96 6.54 6.45
C LEU C 130 9.10 7.15 5.38
N LEU C 131 9.72 7.67 4.33
CA LEU C 131 8.88 8.20 3.24
C LEU C 131 8.00 7.05 2.71
N ALA C 132 8.61 5.89 2.53
CA ALA C 132 7.87 4.74 2.04
C ALA C 132 6.82 4.25 3.03
N GLY C 133 7.15 4.26 4.32
CA GLY C 133 6.22 3.81 5.38
C GLY C 133 5.00 4.71 5.47
N PHE C 134 5.24 6.02 5.39
CA PHE C 134 4.12 6.98 5.44
C PHE C 134 3.28 6.89 4.18
N ALA C 135 3.93 6.65 3.04
CA ALA C 135 3.17 6.40 1.80
C ALA C 135 2.34 5.13 1.88
N THR C 136 2.87 4.07 2.49
CA THR C 136 2.08 2.85 2.66
C THR C 136 0.85 3.09 3.55
N LEU C 137 1.06 3.85 4.62
CA LEU C 137 -0.04 4.13 5.54
C LEU C 137 -1.12 5.00 4.87
N LYS C 138 -0.68 5.97 4.08
CA LYS C 138 -1.65 6.82 3.36
C LYS C 138 -2.50 5.99 2.38
N ARG C 139 -1.84 5.07 1.68
CA ARG C 139 -2.51 4.28 0.67
C ARG C 139 -3.45 3.20 1.27
N ASN C 140 -3.02 2.58 2.36
CA ASN C 140 -3.76 1.44 2.95
C ASN C 140 -4.74 1.83 4.06
N GLY C 141 -4.46 2.93 4.73
CA GLY C 141 -5.29 3.35 5.87
C GLY C 141 -6.61 3.90 5.41
N ARG C 142 -7.68 3.65 6.16
CA ARG C 142 -8.97 4.22 5.78
C ARG C 142 -9.17 5.62 6.39
N PHE C 143 -8.78 5.79 7.66
CA PHE C 143 -8.83 7.10 8.35
C PHE C 143 -10.23 7.66 8.33
N ALA C 144 -11.19 6.93 8.91
CA ALA C 144 -12.59 7.30 8.77
C ALA C 144 -13.33 7.46 10.09
N PRO C 145 -12.71 8.09 11.09
CA PRO C 145 -11.42 8.79 11.07
C PRO C 145 -10.26 7.90 11.55
N TYR C 146 -10.59 6.73 12.11
CA TYR C 146 -9.58 5.84 12.66
C TYR C 146 -8.78 5.11 11.55
N VAL C 147 -7.61 4.56 11.91
CA VAL C 147 -6.72 4.01 10.90
C VAL C 147 -7.41 2.97 10.03
N ALA C 148 -8.20 2.08 10.63
CA ALA C 148 -8.79 0.99 9.87
C ALA C 148 -10.25 1.19 9.43
N GLY C 149 -10.86 2.29 9.85
CA GLY C 149 -12.26 2.53 9.52
C GLY C 149 -12.94 3.50 10.48
N GLU C 150 -14.22 3.23 10.75
CA GLU C 150 -15.01 4.12 11.61
C GLU C 150 -14.87 3.91 13.12
N GLN C 151 -14.20 2.85 13.54
CA GLN C 151 -14.08 2.62 14.97
C GLN C 151 -12.65 2.43 15.42
N LEU C 152 -12.41 2.75 16.68
CA LEU C 152 -11.11 2.57 17.32
C LEU C 152 -10.70 1.09 17.31
N THR C 153 -9.46 0.79 16.88
CA THR C 153 -8.98 -0.63 16.84
C THR C 153 -7.55 -0.67 17.35
N LEU C 154 -7.00 -1.88 17.51
CA LEU C 154 -5.57 -2.03 17.85
C LEU C 154 -4.61 -1.22 16.95
N ALA C 155 -4.92 -1.11 15.65
CA ALA C 155 -4.00 -0.33 14.78
C ALA C 155 -3.86 1.15 15.21
N ASP C 156 -4.89 1.72 15.84
CA ASP C 156 -4.80 3.12 16.27
C ASP C 156 -3.84 3.31 17.46
N LEU C 157 -3.68 2.25 18.27
CA LEU C 157 -2.70 2.30 19.35
C LEU C 157 -1.29 2.37 18.80
N PHE C 159 -0.52 3.35 15.79
CA PHE C 159 -0.48 4.66 15.11
C PHE C 159 -0.16 5.79 16.10
N CYS C 160 -0.93 5.86 17.18
CA CYS C 160 -0.84 7.09 17.96
C CYS C 160 0.47 7.21 18.74
N PHE C 161 1.10 6.07 19.05
CA PHE C 161 2.36 6.08 19.79
C PHE C 161 3.58 5.82 18.89
N SER C 162 3.36 5.69 17.58
CA SER C 162 4.50 5.64 16.65
C SER C 162 4.62 6.89 15.81
N VAL C 163 3.49 7.37 15.31
CA VAL C 163 3.57 8.45 14.28
C VAL C 163 3.99 9.80 14.92
N ASP C 164 3.60 10.00 16.18
CA ASP C 164 4.09 11.16 16.93
C ASP C 164 5.63 11.21 16.97
N LEU C 165 6.25 10.10 17.36
CA LEU C 165 7.70 10.02 17.42
C LEU C 165 8.33 10.13 16.03
N ALA C 166 7.73 9.44 15.04
CA ALA C 166 8.30 9.47 13.69
C ALA C 166 8.30 10.88 13.16
N ASN C 167 7.25 11.65 13.45
CA ASN C 167 7.21 13.03 12.94
C ASN C 167 8.21 13.95 13.62
N ALA C 168 8.46 13.70 14.90
CA ALA C 168 9.54 14.42 15.61
C ALA C 168 10.91 14.09 15.05
N VAL C 169 11.15 12.81 14.70
CA VAL C 169 12.38 12.40 14.04
C VAL C 169 12.49 13.13 12.70
N GLY C 170 11.38 13.16 11.98
CA GLY C 170 11.38 13.83 10.68
C GLY C 170 11.80 15.28 10.83
N LYS C 171 11.18 15.99 11.75
CA LYS C 171 11.41 17.44 11.90
C LYS C 171 12.81 17.75 12.48
N LYS C 172 13.25 16.93 13.43
CA LYS C 172 14.50 17.23 14.16
C LYS C 172 15.75 16.66 13.48
N VAL C 173 15.59 15.53 12.80
CA VAL C 173 16.75 14.79 12.28
C VAL C 173 16.83 14.82 10.75
N LEU C 174 15.68 14.77 10.09
CA LEU C 174 15.62 14.57 8.64
C LEU C 174 15.15 15.80 7.84
N ASN C 175 14.79 16.86 8.54
CA ASN C 175 14.24 18.07 7.94
C ASN C 175 13.01 17.81 7.05
N ILE C 176 12.12 16.92 7.50
CA ILE C 176 10.87 16.64 6.80
C ILE C 176 9.75 16.59 7.83
N ASP C 177 8.64 17.26 7.55
CA ASP C 177 7.46 17.16 8.41
C ASP C 177 6.50 16.22 7.68
N PHE C 178 6.48 14.95 8.09
CA PHE C 178 5.62 14.00 7.43
C PHE C 178 4.15 14.37 7.58
N LEU C 179 3.75 14.89 8.72
CA LEU C 179 2.30 15.12 8.94
C LEU C 179 1.77 16.39 8.26
N ALA C 180 2.69 17.26 7.84
CA ALA C 180 2.30 18.49 7.15
C ALA C 180 1.51 18.21 5.85
N ASP C 181 1.82 17.08 5.21
N ASP C 181 1.83 17.09 5.20
CA ASP C 181 1.15 16.68 3.98
CA ASP C 181 1.16 16.66 3.98
C ASP C 181 0.28 15.42 4.15
C ASP C 181 0.25 15.44 4.15
N PHE C 182 -0.16 15.15 5.37
CA PHE C 182 -0.95 13.92 5.66
C PHE C 182 -2.10 14.30 6.58
N PRO C 183 -3.04 15.12 6.07
CA PRO C 183 -4.07 15.69 6.93
C PRO C 183 -4.91 14.63 7.66
N GLN C 184 -5.14 13.48 7.02
CA GLN C 184 -5.96 12.39 7.62
C GLN C 184 -5.27 11.98 8.92
N ALA C 185 -3.94 11.90 8.86
CA ALA C 185 -3.17 11.38 9.98
C ALA C 185 -3.04 12.44 11.05
N LYS C 186 -2.86 13.69 10.66
CA LYS C 186 -2.79 14.75 11.66
C LYS C 186 -4.09 14.86 12.47
N ALA C 187 -5.22 14.75 11.77
CA ALA C 187 -6.52 14.80 12.43
C ALA C 187 -6.69 13.62 13.41
N LEU C 188 -6.25 12.43 12.98
CA LEU C 188 -6.40 11.26 13.88
C LEU C 188 -5.53 11.43 15.09
N LEU C 189 -4.32 11.98 14.92
CA LEU C 189 -3.45 12.09 16.08
C LEU C 189 -4.07 13.03 17.11
N GLN C 190 -4.68 14.14 16.65
CA GLN C 190 -5.37 15.02 17.58
C GLN C 190 -6.55 14.32 18.25
N LEU C 191 -7.28 13.50 17.49
CA LEU C 191 -8.46 12.84 18.07
C LEU C 191 -8.04 11.83 19.18
N GLY C 193 -5.43 12.07 20.89
CA GLY C 193 -4.97 12.94 21.97
C GLY C 193 -6.05 13.31 22.96
N GLU C 194 -7.31 13.25 22.51
CA GLU C 194 -8.46 13.61 23.34
C GLU C 194 -9.09 12.39 24.04
N ASN C 195 -8.49 11.22 23.86
CA ASN C 195 -8.93 10.01 24.58
C ASN C 195 -8.88 10.35 26.09
N PRO C 196 -9.90 9.94 26.84
CA PRO C 196 -9.98 10.28 28.26
C PRO C 196 -8.86 9.69 29.09
N HIS C 197 -8.21 8.65 28.58
CA HIS C 197 -7.07 8.03 29.29
C HIS C 197 -5.70 8.65 28.95
N PRO C 199 -4.54 11.79 29.34
CA PRO C 199 -3.85 12.59 30.37
C PRO C 199 -3.08 11.73 31.37
N ARG C 200 -3.67 10.61 31.77
CA ARG C 200 -2.99 9.67 32.68
C ARG C 200 -1.70 9.11 32.05
N ILE C 201 -1.79 8.67 30.80
CA ILE C 201 -0.59 8.18 30.11
C ILE C 201 0.52 9.22 30.04
N LEU C 202 0.15 10.44 29.70
CA LEU C 202 1.16 11.49 29.55
C LEU C 202 1.74 11.92 30.91
N ALA C 203 0.90 11.94 31.94
CA ALA C 203 1.36 12.42 33.24
C ALA C 203 2.35 11.38 33.81
N ASP C 204 2.01 10.12 33.63
CA ASP C 204 2.88 9.03 34.08
C ASP C 204 4.21 9.04 33.34
N LYS C 205 4.18 9.29 32.02
CA LYS C 205 5.42 9.41 31.24
C LYS C 205 6.29 10.56 31.80
N GLU C 206 5.67 11.72 32.02
CA GLU C 206 6.46 12.86 32.55
C GLU C 206 7.03 12.53 33.92
N ALA C 207 6.21 11.93 34.78
CA ALA C 207 6.66 11.58 36.17
C ALA C 207 7.79 10.58 36.15
N SER C 208 7.81 9.71 35.13
N SER C 208 7.79 9.71 35.12
CA SER C 208 8.79 8.64 35.03
CA SER C 208 8.77 8.63 35.02
C SER C 208 10.08 9.03 34.31
C SER C 208 10.05 9.01 34.28
N PRO C 210 12.58 11.32 34.77
CA PRO C 210 13.89 11.47 35.44
C PRO C 210 14.53 10.12 35.77
N ALA C 211 13.74 9.14 36.25
CA ALA C 211 14.30 7.82 36.56
C ALA C 211 14.83 7.16 35.30
N PHE C 212 14.07 7.27 34.22
CA PHE C 212 14.52 6.69 32.96
C PHE C 212 15.84 7.34 32.53
N GLU C 214 18.06 8.74 34.35
CA GLU C 214 19.10 8.37 35.30
C GLU C 214 19.63 6.95 35.00
N ILE C 216 19.63 5.59 32.03
CA ILE C 216 20.41 5.73 30.79
C ILE C 216 21.81 6.22 31.12
N ARG C 217 21.88 7.34 31.85
CA ARG C 217 23.13 7.96 32.26
C ARG C 217 24.03 7.08 33.12
N SER C 218 23.44 6.14 33.86
CA SER C 218 24.23 5.23 34.68
C SER C 218 24.81 4.08 33.87
N GLY C 219 24.11 3.72 32.81
CA GLY C 219 24.59 2.72 31.87
C GLY C 219 25.62 3.30 30.92
N SER D 2 -10.65 -20.87 -5.14
CA SER D 2 -10.86 -19.54 -4.48
C SER D 2 -9.50 -18.86 -4.20
N LEU D 3 -8.92 -19.08 -3.02
CA LEU D 3 -7.69 -18.39 -2.56
C LEU D 3 -6.60 -18.32 -3.63
N LYS D 4 -6.00 -17.14 -3.78
CA LYS D 4 -4.86 -16.98 -4.66
C LYS D 4 -3.69 -16.42 -3.88
N LEU D 5 -2.51 -17.01 -4.08
CA LEU D 5 -1.28 -16.55 -3.42
C LEU D 5 -0.41 -15.85 -4.46
N TYR D 6 -0.19 -14.55 -4.28
CA TYR D 6 0.64 -13.75 -5.20
C TYR D 6 2.06 -13.69 -4.66
N GLY D 7 3.02 -13.97 -5.52
CA GLY D 7 4.43 -13.85 -5.12
C GLY D 7 5.27 -14.71 -6.05
N PHE D 8 6.42 -15.17 -5.58
CA PHE D 8 7.32 -15.97 -6.43
C PHE D 8 7.99 -16.98 -5.57
N SER D 9 8.36 -18.11 -6.16
CA SER D 9 8.79 -19.28 -5.40
C SER D 9 10.19 -19.17 -4.81
N VAL D 10 10.94 -18.11 -5.16
CA VAL D 10 12.26 -17.89 -4.53
C VAL D 10 12.08 -17.14 -3.21
N SER D 11 10.91 -16.48 -3.04
CA SER D 11 10.63 -15.71 -1.81
C SER D 11 10.46 -16.65 -0.61
N ASN D 12 11.24 -16.45 0.43
CA ASN D 12 11.05 -17.25 1.65
C ASN D 12 9.70 -17.00 2.35
N TYR D 13 9.28 -15.74 2.41
CA TYR D 13 7.99 -15.42 3.03
C TYR D 13 6.82 -16.05 2.26
N TYR D 14 6.94 -16.02 0.93
CA TYR D 14 5.95 -16.69 0.09
C TYR D 14 5.91 -18.19 0.39
N ASN D 15 7.08 -18.80 0.49
CA ASN D 15 7.15 -20.24 0.77
C ASN D 15 6.58 -20.62 2.11
N VAL D 17 3.89 -19.22 3.47
CA VAL D 17 2.45 -19.32 3.31
C VAL D 17 2.09 -20.54 2.45
N LYS D 18 2.87 -20.73 1.38
CA LYS D 18 2.69 -21.89 0.49
C LYS D 18 2.72 -23.20 1.32
N LEU D 19 3.71 -23.34 2.20
CA LEU D 19 3.74 -24.56 3.02
C LEU D 19 2.53 -24.73 3.94
N ALA D 20 2.08 -23.63 4.56
CA ALA D 20 0.90 -23.68 5.43
C ALA D 20 -0.31 -24.20 4.65
N LEU D 21 -0.53 -23.61 3.47
CA LEU D 21 -1.66 -24.02 2.63
C LEU D 21 -1.57 -25.50 2.24
N LEU D 22 -0.38 -25.95 1.84
CA LEU D 22 -0.12 -27.35 1.47
C LEU D 22 -0.30 -28.27 2.66
N GLU D 23 0.26 -27.88 3.79
CA GLU D 23 0.14 -28.65 5.03
C GLU D 23 -1.34 -28.78 5.46
N LYS D 24 -2.14 -27.76 5.19
CA LYS D 24 -3.56 -27.80 5.59
C LYS D 24 -4.47 -28.42 4.53
N GLY D 25 -3.86 -28.91 3.46
CA GLY D 25 -4.57 -29.52 2.33
C GLY D 25 -5.56 -28.58 1.66
N LEU D 26 -5.19 -27.30 1.56
CA LEU D 26 -6.11 -26.27 1.06
C LEU D 26 -5.87 -26.07 -0.42
N THR D 27 -6.92 -25.72 -1.15
CA THR D 27 -6.81 -25.46 -2.58
C THR D 27 -6.42 -24.02 -2.78
N PHE D 28 -5.47 -23.79 -3.68
CA PHE D 28 -5.02 -22.43 -3.95
C PHE D 28 -4.35 -22.32 -5.30
N GLU D 29 -4.44 -21.12 -5.86
CA GLU D 29 -3.79 -20.79 -7.11
C GLU D 29 -2.58 -19.88 -6.87
N GLU D 30 -1.45 -20.21 -7.50
CA GLU D 30 -0.24 -19.36 -7.46
C GLU D 30 -0.23 -18.34 -8.60
N VAL D 31 0.07 -17.09 -8.27
CA VAL D 31 0.16 -16.02 -9.27
C VAL D 31 1.53 -15.36 -9.14
N THR D 32 2.29 -15.37 -10.23
CA THR D 32 3.63 -14.75 -10.23
C THR D 32 3.56 -13.24 -10.10
N PHE D 33 4.24 -12.72 -9.09
CA PHE D 33 4.15 -11.31 -8.73
C PHE D 33 5.37 -11.02 -7.89
N TYR D 34 6.10 -9.97 -8.26
CA TYR D 34 7.37 -9.69 -7.59
C TYR D 34 7.27 -8.48 -6.68
N GLY D 35 6.10 -7.84 -6.64
CA GLY D 35 5.90 -6.65 -5.79
C GLY D 35 6.77 -5.51 -6.29
N GLY D 36 7.40 -4.79 -5.37
CA GLY D 36 8.24 -3.65 -5.74
C GLY D 36 7.45 -2.37 -5.77
N GLN D 37 8.09 -1.29 -6.27
CA GLN D 37 7.56 0.05 -6.07
C GLN D 37 6.76 0.63 -7.24
N ALA D 38 6.51 -0.17 -8.28
CA ALA D 38 5.64 0.26 -9.37
C ALA D 38 4.21 0.53 -8.90
N PRO D 39 3.60 1.63 -9.39
CA PRO D 39 2.22 2.03 -9.09
C PRO D 39 1.22 0.89 -9.22
N GLN D 40 1.46 -0.04 -10.14
CA GLN D 40 0.54 -1.16 -10.33
C GLN D 40 0.71 -2.21 -9.21
N ALA D 41 1.94 -2.43 -8.81
CA ALA D 41 2.29 -3.39 -7.77
C ALA D 41 1.83 -2.87 -6.40
N LEU D 42 1.92 -1.55 -6.21
CA LEU D 42 1.59 -0.94 -4.90
C LEU D 42 0.08 -1.02 -4.66
N GLU D 43 -0.68 -1.14 -5.75
CA GLU D 43 -2.14 -1.31 -5.64
C GLU D 43 -2.49 -2.68 -5.09
N VAL D 44 -1.62 -3.65 -5.33
CA VAL D 44 -1.84 -5.02 -4.85
C VAL D 44 -1.28 -5.17 -3.43
N SER D 45 -0.08 -4.65 -3.24
CA SER D 45 0.64 -4.77 -1.98
C SER D 45 1.20 -3.41 -1.57
N PRO D 46 0.68 -2.83 -0.47
CA PRO D 46 0.83 -1.40 -0.17
C PRO D 46 2.24 -0.94 0.16
N ARG D 47 3.12 -1.84 0.60
CA ARG D 47 4.54 -1.53 0.79
C ARG D 47 5.40 -2.18 -0.32
N GLY D 48 4.74 -2.89 -1.22
CA GLY D 48 5.45 -3.58 -2.32
C GLY D 48 6.05 -4.93 -1.93
N LYS D 49 5.61 -5.49 -0.81
CA LYS D 49 6.15 -6.74 -0.31
C LYS D 49 5.41 -7.93 -0.91
N VAL D 50 6.11 -9.06 -0.93
CA VAL D 50 5.54 -10.37 -1.23
C VAL D 50 5.57 -11.25 0.03
N PRO D 51 4.58 -12.14 0.21
CA PRO D 51 3.42 -12.48 -0.58
C PRO D 51 2.16 -11.66 -0.27
N VAL D 52 1.16 -11.85 -1.13
CA VAL D 52 -0.15 -11.28 -0.89
C VAL D 52 -1.17 -12.38 -1.11
N LEU D 53 -2.15 -12.47 -0.21
CA LEU D 53 -3.24 -13.43 -0.37
C LEU D 53 -4.47 -12.69 -0.90
N GLU D 54 -5.00 -13.18 -2.02
CA GLU D 54 -6.25 -12.65 -2.53
C GLU D 54 -7.41 -13.50 -2.04
N THR D 55 -8.36 -12.86 -1.38
CA THR D 55 -9.57 -13.54 -0.89
C THR D 55 -10.77 -12.93 -1.60
N GLU D 56 -11.97 -13.44 -1.31
CA GLU D 56 -13.16 -12.79 -1.87
C GLU D 56 -13.35 -11.36 -1.35
N HIS D 57 -12.68 -11.03 -0.24
CA HIS D 57 -12.80 -9.72 0.39
C HIS D 57 -11.71 -8.75 -0.05
N GLY D 58 -10.72 -9.24 -0.78
CA GLY D 58 -9.64 -8.38 -1.24
C GLY D 58 -8.27 -8.95 -0.88
N PHE D 59 -7.25 -8.12 -1.04
CA PHE D 59 -5.87 -8.54 -0.76
C PHE D 59 -5.47 -8.36 0.70
N LEU D 60 -4.70 -9.32 1.23
CA LEU D 60 -4.03 -9.20 2.51
C LEU D 60 -2.54 -9.42 2.28
N SER D 61 -1.71 -8.50 2.76
CA SER D 61 -0.26 -8.71 2.75
C SER D 61 0.27 -8.97 4.16
N GLU D 62 1.56 -9.27 4.24
CA GLU D 62 2.28 -9.58 5.50
C GLU D 62 2.08 -11.06 5.88
N THR D 63 3.16 -11.83 5.77
CA THR D 63 3.10 -13.26 6.02
C THR D 63 2.47 -13.59 7.37
N SER D 64 2.92 -12.91 8.44
CA SER D 64 2.36 -13.23 9.78
C SER D 64 0.86 -13.01 9.81
N VAL D 65 0.43 -11.93 9.17
CA VAL D 65 -1.01 -11.57 9.07
C VAL D 65 -1.81 -12.59 8.23
N ILE D 66 -1.25 -12.95 7.06
CA ILE D 66 -1.85 -13.98 6.22
C ILE D 66 -2.01 -15.31 6.94
N LEU D 67 -0.95 -15.75 7.61
CA LEU D 67 -0.99 -17.00 8.35
C LEU D 67 -2.11 -17.02 9.45
N ASP D 68 -2.25 -15.92 10.18
CA ASP D 68 -3.28 -15.89 11.23
C ASP D 68 -4.65 -15.94 10.57
N TYR D 69 -4.82 -15.20 9.47
CA TYR D 69 -6.10 -15.19 8.75
C TYR D 69 -6.46 -16.60 8.25
N ILE D 70 -5.50 -17.27 7.64
CA ILE D 70 -5.67 -18.69 7.22
C ILE D 70 -6.05 -19.57 8.40
N GLU D 71 -5.35 -19.45 9.53
CA GLU D 71 -5.72 -20.24 10.71
C GLU D 71 -7.16 -20.02 11.17
N GLN D 72 -7.60 -18.76 11.13
CA GLN D 72 -8.93 -18.43 11.65
C GLN D 72 -10.06 -18.87 10.73
N THR D 73 -9.82 -18.82 9.43
CA THR D 73 -10.91 -18.96 8.46
C THR D 73 -10.93 -20.23 7.61
N GLN D 74 -9.88 -21.04 7.67
CA GLN D 74 -9.77 -22.20 6.77
C GLN D 74 -9.77 -23.49 7.57
N GLY D 75 -10.10 -24.60 6.91
CA GLY D 75 -10.08 -25.91 7.55
C GLY D 75 -8.71 -26.55 7.48
N GLY D 76 -8.65 -27.86 7.77
CA GLY D 76 -7.41 -28.59 7.74
C GLY D 76 -6.67 -28.58 9.07
N LYS D 77 -5.52 -29.25 9.08
CA LYS D 77 -4.69 -29.43 10.26
C LYS D 77 -4.47 -28.09 10.97
N ALA D 78 -4.67 -28.06 12.29
CA ALA D 78 -4.39 -26.86 13.07
C ALA D 78 -2.86 -26.65 13.15
N LEU D 79 -2.43 -25.41 12.97
CA LEU D 79 -1.02 -25.03 13.12
C LEU D 79 -0.82 -24.15 14.36
N LEU D 80 -1.76 -24.26 15.30
CA LEU D 80 -1.69 -23.59 16.57
C LEU D 80 -2.26 -24.54 17.65
N PRO D 81 -1.72 -24.46 18.86
CA PRO D 81 -2.38 -25.19 19.96
C PRO D 81 -3.76 -24.62 20.30
N ALA D 82 -4.51 -25.35 21.14
CA ALA D 82 -5.88 -24.99 21.40
C ALA D 82 -6.01 -23.84 22.42
N ASP D 83 -5.03 -23.69 23.30
CA ASP D 83 -5.12 -22.72 24.39
C ASP D 83 -4.60 -21.33 24.00
N PRO D 84 -5.28 -20.28 24.46
CA PRO D 84 -4.87 -18.97 23.98
C PRO D 84 -3.46 -18.54 24.40
N PHE D 85 -3.02 -18.88 25.61
CA PHE D 85 -1.67 -18.50 25.97
C PHE D 85 -0.66 -19.24 25.06
N GLY D 86 -0.92 -20.52 24.82
CA GLY D 86 -0.07 -21.29 23.91
C GLY D 86 -0.05 -20.69 22.50
N GLN D 87 -1.19 -20.19 22.04
CA GLN D 87 -1.26 -19.51 20.74
C GLN D 87 -0.39 -18.26 20.71
N ALA D 88 -0.49 -17.46 21.77
CA ALA D 88 0.32 -16.23 21.87
C ALA D 88 1.79 -16.58 21.93
N LYS D 89 2.16 -17.65 22.61
CA LYS D 89 3.55 -18.09 22.65
CA LYS D 89 3.57 -18.04 22.65
C LYS D 89 4.11 -18.43 21.27
N VAL D 90 3.30 -19.12 20.46
CA VAL D 90 3.70 -19.42 19.07
C VAL D 90 3.95 -18.11 18.33
N ARG D 91 3.06 -17.14 18.53
CA ARG D 91 3.13 -15.88 17.80
C ARG D 91 4.35 -15.06 18.26
N GLU D 92 4.66 -15.14 19.54
CA GLU D 92 5.85 -14.50 20.08
C GLU D 92 7.13 -15.05 19.41
N LEU D 93 7.23 -16.38 19.34
CA LEU D 93 8.37 -17.06 18.73
C LEU D 93 8.46 -16.72 17.24
N LEU D 94 7.31 -16.72 16.56
CA LEU D 94 7.32 -16.36 15.15
C LEU D 94 7.80 -14.92 14.95
N LYS D 95 7.33 -14.02 15.81
CA LYS D 95 7.71 -12.64 15.71
C LYS D 95 9.20 -12.46 16.03
N GLU D 96 9.69 -13.20 17.01
CA GLU D 96 11.10 -13.10 17.33
C GLU D 96 12.00 -13.57 16.18
N ILE D 97 11.66 -14.67 15.52
CA ILE D 97 12.46 -15.14 14.38
C ILE D 97 12.38 -14.06 13.26
N GLU D 98 11.20 -13.55 13.01
CA GLU D 98 11.03 -12.57 11.93
C GLU D 98 11.87 -11.29 12.18
N LEU D 99 11.68 -10.66 13.35
CA LEU D 99 12.37 -9.39 13.64
C LEU D 99 13.85 -9.50 13.97
N TYR D 100 14.26 -10.57 14.66
CA TYR D 100 15.60 -10.66 15.22
C TYR D 100 16.50 -11.65 14.46
N ILE D 101 15.94 -12.37 13.48
CA ILE D 101 16.78 -13.24 12.63
C ILE D 101 16.58 -12.94 11.13
N GLU D 102 15.33 -13.02 10.66
CA GLU D 102 15.11 -12.89 9.23
C GLU D 102 15.49 -11.49 8.74
N LEU D 103 14.95 -10.46 9.39
CA LEU D 103 15.19 -9.07 8.97
C LEU D 103 16.69 -8.66 9.01
N PRO D 104 17.42 -8.99 10.09
CA PRO D 104 18.87 -8.69 10.03
C PRO D 104 19.64 -9.49 8.94
N ALA D 105 19.34 -10.79 8.81
CA ALA D 105 19.92 -11.63 7.77
C ALA D 105 19.59 -11.00 6.39
N ARG D 106 18.36 -10.52 6.25
CA ARG D 106 17.94 -9.92 4.99
C ARG D 106 18.78 -8.71 4.56
N THR D 107 19.33 -7.97 5.51
CA THR D 107 20.18 -6.81 5.13
C THR D 107 21.47 -7.25 4.39
N CYS D 108 21.78 -8.54 4.46
CA CYS D 108 22.96 -9.09 3.80
C CYS D 108 22.67 -9.97 2.59
N TYR D 109 21.38 -10.13 2.22
CA TYR D 109 21.04 -11.04 1.12
C TYR D 109 21.70 -10.57 -0.19
N ALA D 110 21.76 -9.25 -0.41
CA ALA D 110 22.38 -8.70 -1.63
C ALA D 110 23.75 -9.34 -1.87
N GLU D 111 24.53 -9.44 -0.80
CA GLU D 111 25.88 -9.96 -0.90
C GLU D 111 25.93 -11.49 -0.88
N SER D 112 25.16 -12.12 0.00
CA SER D 112 25.21 -13.57 0.11
C SER D 112 24.64 -14.25 -1.13
N PHE D 113 23.58 -13.69 -1.71
CA PHE D 113 22.93 -14.41 -2.80
C PHE D 113 23.05 -13.76 -4.16
N PHE D 114 23.18 -12.44 -4.21
CA PHE D 114 23.06 -11.67 -5.44
C PHE D 114 24.35 -10.99 -5.91
N GLY D 115 25.48 -11.49 -5.41
CA GLY D 115 26.81 -11.02 -5.85
C GLY D 115 26.99 -9.52 -5.79
N SER D 117 27.91 -6.26 -3.16
CA SER D 117 28.58 -5.99 -1.91
C SER D 117 27.73 -5.08 -1.03
N VAL D 118 27.75 -5.35 0.28
N VAL D 118 27.71 -5.35 0.27
CA VAL D 118 26.99 -4.57 1.26
CA VAL D 118 26.96 -4.50 1.21
C VAL D 118 27.96 -3.76 2.14
C VAL D 118 27.93 -3.76 2.14
N GLU D 119 27.57 -2.54 2.54
CA GLU D 119 28.42 -1.71 3.44
C GLU D 119 28.90 -2.49 4.66
N PRO D 120 30.17 -2.28 5.05
CA PRO D 120 30.68 -2.81 6.30
C PRO D 120 29.80 -2.51 7.52
N LEU D 121 29.30 -1.28 7.64
CA LEU D 121 28.51 -0.93 8.82
C LEU D 121 27.28 -1.84 8.89
N ILE D 122 26.69 -2.12 7.74
CA ILE D 122 25.48 -2.93 7.71
C ILE D 122 25.81 -4.38 8.12
N LYS D 123 26.92 -4.91 7.64
CA LYS D 123 27.32 -6.26 8.02
C LYS D 123 27.63 -6.37 9.50
N GLU D 124 28.27 -5.33 10.06
CA GLU D 124 28.62 -5.34 11.48
C GLU D 124 27.36 -5.34 12.34
N LYS D 125 26.38 -4.55 11.94
CA LYS D 125 25.11 -4.49 12.62
C LYS D 125 24.36 -5.81 12.48
N ALA D 126 24.38 -6.40 11.28
CA ALA D 126 23.72 -7.70 11.05
C ALA D 126 24.31 -8.77 11.95
N ARG D 127 25.63 -8.80 12.07
CA ARG D 127 26.24 -9.81 12.94
C ARG D 127 25.77 -9.69 14.38
N ALA D 128 25.75 -8.48 14.92
CA ALA D 128 25.37 -8.32 16.32
C ALA D 128 23.88 -8.63 16.47
N ASP D 129 23.07 -8.16 15.53
CA ASP D 129 21.64 -8.47 15.58
C ASP D 129 21.34 -9.96 15.51
N LEU D 130 22.04 -10.68 14.63
CA LEU D 130 21.82 -12.14 14.47
C LEU D 130 22.31 -12.92 15.67
N LEU D 131 23.45 -12.52 16.20
CA LEU D 131 23.94 -13.18 17.43
C LEU D 131 22.87 -13.07 18.53
N ALA D 132 22.29 -11.89 18.69
CA ALA D 132 21.23 -11.71 19.68
C ALA D 132 19.94 -12.46 19.32
N GLY D 133 19.57 -12.47 18.04
CA GLY D 133 18.35 -13.15 17.60
C GLY D 133 18.46 -14.66 17.81
N PHE D 134 19.61 -15.23 17.46
CA PHE D 134 19.81 -16.68 17.71
C PHE D 134 19.83 -17.02 19.20
N ALA D 135 20.45 -16.14 20.00
CA ALA D 135 20.41 -16.34 21.46
C ALA D 135 18.97 -16.29 22.01
N THR D 136 18.16 -15.39 21.46
CA THR D 136 16.75 -15.30 21.88
C THR D 136 15.97 -16.55 21.52
N LEU D 137 16.15 -17.02 20.29
CA LEU D 137 15.49 -18.26 19.87
C LEU D 137 15.92 -19.45 20.75
N LYS D 138 17.20 -19.51 21.10
CA LYS D 138 17.70 -20.59 21.94
C LYS D 138 17.06 -20.54 23.31
N ARG D 139 16.93 -19.34 23.87
CA ARG D 139 16.43 -19.27 25.24
C ARG D 139 14.91 -19.44 25.31
N ASN D 140 14.21 -18.96 24.28
CA ASN D 140 12.75 -18.97 24.31
C ASN D 140 12.10 -20.20 23.63
N GLY D 141 12.79 -20.78 22.65
CA GLY D 141 12.24 -21.92 21.91
C GLY D 141 12.25 -23.17 22.78
N ARG D 142 11.29 -24.07 22.56
N ARG D 142 11.26 -24.04 22.57
CA ARG D 142 11.28 -25.34 23.30
CA ARG D 142 11.24 -25.33 23.26
C ARG D 142 11.88 -26.51 22.49
C ARG D 142 12.07 -26.37 22.47
N PHE D 143 11.88 -26.41 21.16
CA PHE D 143 12.52 -27.42 20.30
C PHE D 143 12.23 -28.84 20.75
N ALA D 144 10.95 -29.20 20.80
CA ALA D 144 10.60 -30.49 21.40
C ALA D 144 9.87 -31.47 20.47
N PRO D 145 10.28 -31.57 19.19
CA PRO D 145 11.43 -30.99 18.50
C PRO D 145 11.10 -29.65 17.84
N TYR D 146 9.80 -29.32 17.74
CA TYR D 146 9.35 -28.10 17.03
C TYR D 146 9.63 -26.85 17.86
N VAL D 147 9.63 -25.69 17.20
CA VAL D 147 10.04 -24.46 17.89
C VAL D 147 9.27 -24.23 19.19
N ALA D 148 7.96 -24.42 19.14
CA ALA D 148 7.14 -24.04 20.30
C ALA D 148 6.81 -25.23 21.19
N GLY D 149 7.28 -26.42 20.83
CA GLY D 149 6.88 -27.64 21.56
C GLY D 149 6.84 -28.91 20.73
N GLU D 150 5.82 -29.74 20.96
CA GLU D 150 5.80 -31.10 20.42
C GLU D 150 5.10 -31.23 19.10
N GLN D 151 4.39 -30.17 18.69
CA GLN D 151 3.68 -30.16 17.38
C GLN D 151 4.12 -29.02 16.47
N LEU D 152 4.06 -29.28 15.18
CA LEU D 152 4.29 -28.28 14.15
C LEU D 152 3.32 -27.10 14.32
N THR D 153 3.86 -25.87 14.34
CA THR D 153 3.03 -24.67 14.43
C THR D 153 3.48 -23.64 13.40
N LEU D 154 2.76 -22.52 13.34
CA LEU D 154 3.21 -21.40 12.51
C LEU D 154 4.67 -20.98 12.75
N ALA D 155 5.15 -21.06 13.99
CA ALA D 155 6.52 -20.59 14.23
C ALA D 155 7.55 -21.45 13.49
N ASP D 156 7.25 -22.73 13.29
CA ASP D 156 8.14 -23.59 12.50
C ASP D 156 8.27 -23.22 11.04
N LEU D 157 7.22 -22.63 10.49
CA LEU D 157 7.29 -22.12 9.13
C LEU D 157 8.25 -20.94 9.05
N PHE D 159 10.55 -20.34 11.07
CA PHE D 159 11.85 -20.91 11.42
C PHE D 159 12.55 -21.49 10.19
N CYS D 160 11.84 -22.35 9.48
CA CYS D 160 12.51 -23.17 8.48
C CYS D 160 12.84 -22.42 7.22
N PHE D 161 12.13 -21.31 6.97
CA PHE D 161 12.47 -20.52 5.80
C PHE D 161 13.18 -19.25 6.18
N SER D 162 13.53 -19.07 7.47
CA SER D 162 14.42 -17.95 7.83
C SER D 162 15.82 -18.42 8.26
N VAL D 163 15.88 -19.50 9.03
CA VAL D 163 17.15 -19.88 9.68
C VAL D 163 18.11 -20.49 8.67
N ASP D 164 17.54 -21.12 7.66
CA ASP D 164 18.33 -21.66 6.57
C ASP D 164 19.09 -20.49 5.90
N LEU D 165 18.37 -19.41 5.57
CA LEU D 165 19.01 -18.26 4.90
C LEU D 165 19.97 -17.51 5.82
N ALA D 166 19.60 -17.41 7.09
CA ALA D 166 20.41 -16.65 8.02
C ALA D 166 21.74 -17.37 8.25
N ASN D 167 21.71 -18.70 8.28
CA ASN D 167 22.96 -19.45 8.48
C ASN D 167 23.86 -19.35 7.25
N ALA D 168 23.23 -19.32 6.09
CA ALA D 168 23.97 -19.06 4.83
C ALA D 168 24.63 -17.68 4.83
N VAL D 169 23.86 -16.63 5.14
CA VAL D 169 24.44 -15.30 5.40
C VAL D 169 25.59 -15.37 6.40
N GLY D 170 25.39 -16.07 7.51
CA GLY D 170 26.48 -16.21 8.50
C GLY D 170 27.78 -16.75 7.91
N LYS D 171 27.70 -17.88 7.21
CA LYS D 171 28.88 -18.54 6.71
C LYS D 171 29.51 -17.81 5.54
N LYS D 172 28.67 -17.31 4.64
CA LYS D 172 29.16 -16.68 3.42
CA LYS D 172 29.16 -16.68 3.42
C LYS D 172 29.66 -15.25 3.66
N VAL D 173 28.98 -14.53 4.54
CA VAL D 173 29.19 -13.10 4.68
C VAL D 173 29.81 -12.67 6.01
N LEU D 174 29.47 -13.35 7.09
CA LEU D 174 29.88 -12.88 8.40
C LEU D 174 30.91 -13.76 9.10
N ASN D 175 31.44 -14.76 8.40
N ASN D 175 31.40 -14.80 8.43
CA ASN D 175 32.36 -15.72 9.00
CA ASN D 175 32.40 -15.74 9.01
C ASN D 175 31.86 -16.28 10.34
C ASN D 175 31.92 -16.54 10.23
N ILE D 176 30.61 -16.74 10.36
CA ILE D 176 30.06 -17.46 11.52
C ILE D 176 29.00 -18.49 11.12
N ASP D 177 29.06 -19.67 11.74
CA ASP D 177 28.08 -20.74 11.56
C ASP D 177 27.20 -20.74 12.80
N PHE D 178 26.08 -20.02 12.75
CA PHE D 178 25.18 -19.93 13.90
C PHE D 178 24.66 -21.32 14.34
N LEU D 179 24.49 -22.24 13.40
CA LEU D 179 23.94 -23.55 13.76
C LEU D 179 24.98 -24.55 14.33
N ALA D 180 26.26 -24.20 14.23
CA ALA D 180 27.32 -25.09 14.73
C ALA D 180 27.19 -25.38 16.22
N ASP D 181 26.73 -24.40 16.99
CA ASP D 181 26.50 -24.62 18.40
C ASP D 181 25.02 -24.52 18.81
N PHE D 182 24.12 -24.89 17.91
CA PHE D 182 22.68 -24.80 18.17
C PHE D 182 22.06 -26.10 17.66
N PRO D 183 22.39 -27.21 18.33
CA PRO D 183 22.02 -28.51 17.82
C PRO D 183 20.51 -28.73 17.71
N GLN D 184 19.72 -28.17 18.63
CA GLN D 184 18.28 -28.41 18.56
C GLN D 184 17.70 -27.73 17.32
N ALA D 185 18.30 -26.61 16.92
CA ALA D 185 17.83 -25.93 15.70
C ALA D 185 18.32 -26.65 14.46
N LYS D 186 19.54 -27.17 14.51
CA LYS D 186 20.08 -27.90 13.37
C LYS D 186 19.21 -29.14 13.12
N ALA D 187 18.82 -29.78 14.20
CA ALA D 187 17.98 -30.99 14.10
C ALA D 187 16.60 -30.63 13.54
N LEU D 188 16.03 -29.53 13.99
CA LEU D 188 14.67 -29.17 13.52
C LEU D 188 14.73 -28.83 12.02
N LEU D 189 15.81 -28.18 11.60
CA LEU D 189 15.85 -27.75 10.21
C LEU D 189 15.94 -28.98 9.29
N GLN D 190 16.65 -30.04 9.69
CA GLN D 190 16.67 -31.26 8.91
C GLN D 190 15.31 -31.96 8.93
N LEU D 191 14.63 -31.92 10.08
CA LEU D 191 13.30 -32.52 10.20
C LEU D 191 12.28 -31.84 9.28
N GLY D 193 12.98 -30.36 6.72
CA GLY D 193 13.46 -30.71 5.37
C GLY D 193 12.80 -31.96 4.83
N GLU D 194 12.31 -32.80 5.73
CA GLU D 194 11.75 -34.11 5.39
C GLU D 194 10.23 -34.01 5.26
N ASN D 195 9.69 -32.80 5.46
CA ASN D 195 8.26 -32.57 5.22
C ASN D 195 7.87 -33.04 3.81
N PRO D 196 6.75 -33.77 3.68
CA PRO D 196 6.38 -34.35 2.38
C PRO D 196 6.13 -33.27 1.30
N HIS D 197 5.89 -32.04 1.71
CA HIS D 197 5.68 -30.93 0.77
C HIS D 197 6.95 -30.14 0.39
N PRO D 199 9.76 -31.18 -1.17
CA PRO D 199 10.24 -31.37 -2.55
C PRO D 199 9.53 -30.49 -3.55
N ARG D 200 8.21 -30.34 -3.44
CA ARG D 200 7.53 -29.45 -4.38
CA ARG D 200 7.46 -29.43 -4.32
C ARG D 200 7.96 -27.99 -4.19
N ILE D 201 8.10 -27.56 -2.94
CA ILE D 201 8.53 -26.18 -2.68
C ILE D 201 9.90 -25.90 -3.27
N LEU D 202 10.84 -26.81 -3.07
CA LEU D 202 12.20 -26.61 -3.58
C LEU D 202 12.26 -26.74 -5.11
N ALA D 203 11.43 -27.61 -5.69
CA ALA D 203 11.41 -27.78 -7.16
C ALA D 203 10.87 -26.52 -7.81
N ASP D 204 9.80 -25.97 -7.25
CA ASP D 204 9.22 -24.70 -7.73
C ASP D 204 10.22 -23.56 -7.59
N LYS D 205 10.88 -23.47 -6.44
CA LYS D 205 11.93 -22.47 -6.24
C LYS D 205 12.99 -22.53 -7.35
N GLU D 206 13.55 -23.72 -7.62
CA GLU D 206 14.60 -23.88 -8.65
C GLU D 206 14.06 -23.49 -10.04
N ALA D 207 12.83 -23.90 -10.31
CA ALA D 207 12.20 -23.64 -11.61
C ALA D 207 11.99 -22.15 -11.86
N SER D 208 11.76 -21.40 -10.78
N SER D 208 11.80 -21.41 -10.77
CA SER D 208 11.45 -19.98 -10.85
CA SER D 208 11.45 -19.99 -10.82
C SER D 208 12.67 -19.05 -10.70
C SER D 208 12.65 -19.05 -10.68
N PRO D 210 15.47 -18.62 -12.55
CA PRO D 210 15.99 -17.81 -13.68
C PRO D 210 15.14 -16.58 -13.97
N ALA D 211 13.83 -16.70 -13.96
CA ALA D 211 13.01 -15.53 -14.19
C ALA D 211 13.23 -14.47 -13.10
N PHE D 212 13.33 -14.92 -11.85
CA PHE D 212 13.57 -13.97 -10.77
C PHE D 212 14.89 -13.21 -11.01
N GLU D 214 16.33 -12.69 -13.80
CA GLU D 214 16.20 -11.85 -14.99
C GLU D 214 15.44 -10.56 -14.63
N ILE D 216 15.53 -9.10 -11.75
CA ILE D 216 16.49 -8.32 -11.01
C ILE D 216 17.45 -7.59 -11.95
N ARG D 217 18.11 -8.35 -12.82
CA ARG D 217 19.05 -7.80 -13.78
C ARG D 217 18.40 -6.68 -14.61
N SER D 218 17.09 -6.81 -14.89
CA SER D 218 16.34 -5.77 -15.60
C SER D 218 16.37 -4.42 -14.89
N GLY D 219 16.20 -4.41 -13.57
CA GLY D 219 16.23 -3.17 -12.78
C GLY D 219 17.64 -2.77 -12.37
#